data_5U56
#
_entry.id   5U56
#
_cell.length_a   66.408
_cell.length_b   113.261
_cell.length_c   140.400
_cell.angle_alpha   90.00
_cell.angle_beta   90.00
_cell.angle_gamma   90.00
#
_symmetry.space_group_name_H-M   'P 21 21 21'
#
loop_
_entity.id
_entity.type
_entity.pdbx_description
1 polymer 'Stringent starvation protein A'
2 polymer 'Macrophage growth locus A'
3 non-polymer GLYCEROL
4 non-polymer 'PENTAETHYLENE GLYCOL'
5 non-polymer PROLINE
6 water water
#
loop_
_entity_poly.entity_id
_entity_poly.type
_entity_poly.pdbx_seq_one_letter_code
_entity_poly.pdbx_strand_id
1 'polypeptide(L)'
;SNAMVTLYTTKYCPYSLRARIALAEKKMSTDIVEAGDLEPAMIKKITPNGVFPVLMEKDYSINNRKALLIYIDERFPAPS
LLPNVVNERIKIRLSLDKIDNEWYPVLDQIRKHRSDQKMLESMFKDLKESLLAMEKAFTGSEFFISSGFTLADCYIAALI
ICLEAEGFIIDDEYGAIYEYKKRLFARDSVKKANIKGGAGESLLKTLRTHR
;
C,D
2 'polypeptide(L)'
;SNAMLLYTKKDDIYSDIVRMILLIKGANAKIVDVSKEENSKHLEELNIITPNGNIPTLSTDDFAVYRLSVIIEAIEDLYP
FPPMFPVFPKQRANARILLEYVNKTFLQNIIKLQSPDLDEKQANEIKMLMQRDIISTYKKIVSEREVNAESNPDAQNINV
LTLIITFVFYYFIKLKISIPTKDKNIIKEIKELLSEPNFIKTIK
;
A,B
#
loop_
_chem_comp.id
_chem_comp.type
_chem_comp.name
_chem_comp.formula
1PE non-polymer 'PENTAETHYLENE GLYCOL' 'C10 H22 O6'
GOL non-polymer GLYCEROL 'C3 H8 O3'
#
# COMPACT_ATOMS: atom_id res chain seq x y z
N ALA A 3 31.22 -36.04 -13.70
CA ALA A 3 32.48 -35.28 -13.67
C ALA A 3 32.25 -33.85 -14.12
N MET A 4 31.25 -33.64 -14.98
CA MET A 4 30.95 -32.31 -15.47
C MET A 4 30.24 -31.46 -14.42
N VAL A 5 29.28 -32.06 -13.72
CA VAL A 5 28.50 -31.39 -12.68
C VAL A 5 28.70 -32.11 -11.37
N THR A 6 28.68 -31.36 -10.26
CA THR A 6 28.95 -31.91 -8.94
C THR A 6 27.88 -31.44 -7.96
N LEU A 7 27.36 -32.37 -7.17
CA LEU A 7 26.42 -32.07 -6.11
C LEU A 7 27.12 -32.33 -4.77
N TYR A 8 27.24 -31.27 -3.97
CA TYR A 8 27.81 -31.37 -2.63
C TYR A 8 26.67 -31.53 -1.63
N THR A 9 26.73 -32.60 -0.83
CA THR A 9 25.62 -32.98 0.02
C THR A 9 26.04 -32.98 1.48
N THR A 10 25.04 -33.10 2.35
CA THR A 10 25.22 -33.23 3.79
C THR A 10 24.46 -34.45 4.25
N LYS A 11 25.05 -35.21 5.17
CA LYS A 11 24.40 -36.40 5.70
C LYS A 11 23.10 -36.04 6.41
N TYR A 12 22.10 -36.89 6.26
CA TYR A 12 20.81 -36.78 6.95
C TYR A 12 20.07 -35.49 6.63
N CYS A 13 20.33 -34.89 5.47
CA CYS A 13 19.64 -33.67 5.06
C CYS A 13 18.61 -34.02 4.00
N PRO A 14 17.32 -33.73 4.22
CA PRO A 14 16.32 -34.09 3.21
C PRO A 14 16.48 -33.33 1.91
N TYR A 15 16.97 -32.08 1.97
CA TYR A 15 17.22 -31.35 0.74
C TYR A 15 18.36 -31.97 -0.05
N SER A 16 19.31 -32.62 0.63
CA SER A 16 20.37 -33.34 -0.07
C SER A 16 19.88 -34.67 -0.59
N LEU A 17 18.99 -35.34 0.14
CA LEU A 17 18.48 -36.65 -0.30
C LEU A 17 17.58 -36.51 -1.51
N ARG A 18 16.62 -35.58 -1.45
CA ARG A 18 15.71 -35.41 -2.58
C ARG A 18 16.41 -34.88 -3.82
N ALA A 19 17.56 -34.23 -3.66
CA ALA A 19 18.36 -33.83 -4.82
C ALA A 19 19.09 -35.02 -5.43
N ARG A 20 19.58 -35.94 -4.59
CA ARG A 20 20.24 -37.13 -5.13
C ARG A 20 19.23 -38.05 -5.82
N ILE A 21 18.02 -38.13 -5.29
CA ILE A 21 16.98 -38.94 -5.93
C ILE A 21 16.63 -38.35 -7.28
N ALA A 22 16.50 -37.01 -7.36
CA ALA A 22 16.14 -36.38 -8.62
C ALA A 22 17.25 -36.51 -9.65
N LEU A 23 18.51 -36.32 -9.24
CA LEU A 23 19.62 -36.46 -10.17
C LEU A 23 19.76 -37.88 -10.68
N ALA A 24 19.52 -38.87 -9.80
CA ALA A 24 19.57 -40.26 -10.22
C ALA A 24 18.47 -40.57 -11.23
N GLU A 25 17.28 -40.01 -11.01
CA GLU A 25 16.18 -40.20 -11.96
C GLU A 25 16.53 -39.62 -13.32
N LYS A 26 17.41 -38.63 -13.37
CA LYS A 26 17.81 -38.00 -14.61
C LYS A 26 18.91 -38.78 -15.33
N LYS A 27 19.56 -39.73 -14.65
CA LYS A 27 20.70 -40.46 -15.20
C LYS A 27 21.80 -39.51 -15.68
N MET A 28 21.98 -38.41 -14.95
CA MET A 28 23.02 -37.45 -15.26
C MET A 28 24.38 -37.96 -14.78
N SER A 29 25.43 -37.55 -15.50
CA SER A 29 26.79 -37.98 -15.20
C SER A 29 27.39 -37.25 -14.00
N THR A 30 26.58 -36.49 -13.25
CA THR A 30 27.09 -35.80 -12.07
C THR A 30 27.58 -36.79 -11.03
N ASP A 31 28.54 -36.36 -10.23
CA ASP A 31 29.11 -37.18 -9.17
C ASP A 31 28.85 -36.53 -7.82
N ILE A 32 28.46 -37.34 -6.85
CA ILE A 32 28.15 -36.87 -5.51
C ILE A 32 29.44 -36.73 -4.71
N VAL A 33 29.54 -35.65 -3.94
CA VAL A 33 30.69 -35.39 -3.09
C VAL A 33 30.16 -35.00 -1.72
N GLU A 34 30.41 -35.83 -0.71
CA GLU A 34 29.90 -35.60 0.63
C GLU A 34 30.75 -34.54 1.34
N ALA A 35 30.14 -33.40 1.65
CA ALA A 35 30.83 -32.39 2.43
C ALA A 35 31.06 -32.89 3.86
N GLY A 36 31.92 -32.18 4.57
CA GLY A 36 32.34 -32.63 5.88
C GLY A 36 33.66 -33.37 5.74
N ASP A 37 33.81 -34.01 4.58
CA ASP A 37 35.08 -34.58 4.16
C ASP A 37 35.99 -33.54 3.49
N LEU A 38 35.57 -32.28 3.46
CA LEU A 38 36.34 -31.21 2.84
C LEU A 38 36.66 -30.13 3.86
N GLU A 39 37.73 -29.40 3.59
CA GLU A 39 38.22 -28.36 4.49
C GLU A 39 37.32 -27.13 4.44
N PRO A 40 37.28 -26.35 5.52
CA PRO A 40 36.53 -25.08 5.49
C PRO A 40 37.00 -24.14 4.39
N ALA A 41 38.27 -24.21 3.99
CA ALA A 41 38.73 -23.42 2.85
C ALA A 41 38.00 -23.81 1.58
N MET A 42 37.71 -25.11 1.42
CA MET A 42 36.92 -25.55 0.27
C MET A 42 35.43 -25.32 0.51
N ILE A 43 34.94 -25.59 1.73
CA ILE A 43 33.53 -25.46 2.04
C ILE A 43 33.09 -24.01 1.86
N LYS A 44 33.85 -23.06 2.40
CA LYS A 44 33.52 -21.65 2.24
C LYS A 44 33.68 -21.16 0.81
N LYS A 45 34.32 -21.94 -0.05
CA LYS A 45 34.43 -21.62 -1.47
C LYS A 45 33.36 -22.30 -2.31
N ILE A 46 32.91 -23.49 -1.91
CA ILE A 46 31.78 -24.14 -2.58
C ILE A 46 30.52 -23.30 -2.42
N THR A 47 30.08 -23.12 -1.19
CA THR A 47 28.92 -22.29 -0.87
C THR A 47 29.33 -21.22 0.12
N PRO A 48 29.31 -19.94 -0.27
CA PRO A 48 29.77 -18.89 0.65
C PRO A 48 29.00 -18.84 1.96
N ASN A 49 27.68 -19.09 1.93
CA ASN A 49 26.87 -19.05 3.13
C ASN A 49 26.71 -20.42 3.78
N GLY A 50 27.50 -21.41 3.38
CA GLY A 50 27.51 -22.71 4.03
C GLY A 50 26.18 -23.44 4.01
N VAL A 51 25.40 -23.28 2.94
CA VAL A 51 24.10 -23.94 2.83
C VAL A 51 24.24 -25.14 1.89
N PHE A 52 23.83 -26.30 2.38
CA PHE A 52 23.87 -27.52 1.58
C PHE A 52 22.45 -28.06 1.38
N PRO A 53 22.21 -28.77 0.26
CA PRO A 53 23.16 -29.16 -0.78
C PRO A 53 23.51 -28.04 -1.76
N VAL A 54 24.58 -28.25 -2.53
CA VAL A 54 25.04 -27.29 -3.52
C VAL A 54 25.28 -28.02 -4.83
N LEU A 55 24.60 -27.58 -5.89
CA LEU A 55 24.82 -28.05 -7.25
C LEU A 55 25.60 -26.98 -7.98
N MET A 56 26.75 -27.35 -8.54
CA MET A 56 27.53 -26.39 -9.32
C MET A 56 28.07 -27.03 -10.58
N GLU A 57 28.17 -26.22 -11.63
CA GLU A 57 28.73 -26.63 -12.91
C GLU A 57 29.35 -25.39 -13.55
N LYS A 58 30.53 -25.55 -14.15
CA LYS A 58 31.29 -24.40 -14.60
C LYS A 58 31.45 -23.44 -13.43
N ASP A 59 30.89 -22.25 -13.59
CA ASP A 59 30.95 -21.19 -12.59
C ASP A 59 29.59 -20.87 -11.98
N TYR A 60 28.54 -21.61 -12.35
CA TYR A 60 27.26 -21.43 -11.68
C TYR A 60 27.18 -22.33 -10.46
N SER A 61 26.42 -21.88 -9.47
CA SER A 61 26.32 -22.58 -8.19
C SER A 61 24.99 -22.20 -7.55
N ILE A 62 24.13 -23.18 -7.31
CA ILE A 62 22.80 -22.94 -6.78
C ILE A 62 22.62 -23.75 -5.50
N ASN A 63 22.15 -23.08 -4.44
CA ASN A 63 21.82 -23.74 -3.19
C ASN A 63 20.46 -23.31 -2.63
N ASN A 64 19.69 -22.52 -3.38
CA ASN A 64 18.37 -22.13 -2.95
C ASN A 64 17.48 -23.37 -2.82
N ARG A 65 16.85 -23.51 -1.66
CA ARG A 65 16.11 -24.74 -1.36
C ARG A 65 14.92 -24.93 -2.30
N LYS A 66 14.05 -23.92 -2.39
CA LYS A 66 12.84 -24.07 -3.19
C LYS A 66 13.09 -24.07 -4.69
N ALA A 67 14.30 -23.71 -5.13
CA ALA A 67 14.59 -23.61 -6.56
C ALA A 67 15.46 -24.73 -7.10
N LEU A 68 16.10 -25.51 -6.24
CA LEU A 68 17.11 -26.46 -6.70
C LEU A 68 16.50 -27.53 -7.60
N LEU A 69 15.50 -28.26 -7.10
CA LEU A 69 14.96 -29.38 -7.86
C LEU A 69 14.24 -28.92 -9.12
N ILE A 70 13.56 -27.78 -9.05
CA ILE A 70 12.98 -27.20 -10.27
C ILE A 70 14.08 -26.90 -11.28
N TYR A 71 15.23 -26.41 -10.80
CA TYR A 71 16.36 -26.19 -11.70
C TYR A 71 16.89 -27.51 -12.24
N ILE A 72 16.95 -28.54 -11.40
CA ILE A 72 17.42 -29.85 -11.84
C ILE A 72 16.54 -30.38 -12.96
N ASP A 73 15.22 -30.28 -12.79
CA ASP A 73 14.29 -30.81 -13.79
C ASP A 73 14.36 -30.03 -15.10
N GLU A 74 14.67 -28.75 -15.04
CA GLU A 74 14.78 -27.93 -16.25
C GLU A 74 16.16 -28.01 -16.88
N ARG A 75 17.21 -28.16 -16.07
CA ARG A 75 18.57 -28.25 -16.60
C ARG A 75 18.79 -29.56 -17.34
N PHE A 76 18.32 -30.67 -16.77
CA PHE A 76 18.36 -31.98 -17.39
C PHE A 76 16.92 -32.37 -17.73
N PRO A 77 16.43 -32.08 -18.92
CA PRO A 77 14.97 -32.10 -19.14
C PRO A 77 14.38 -33.50 -19.17
N ALA A 78 15.07 -34.47 -19.75
CA ALA A 78 14.52 -35.82 -19.88
C ALA A 78 15.18 -36.80 -18.90
N PRO A 79 14.36 -37.60 -18.20
CA PRO A 79 12.89 -37.60 -18.25
C PRO A 79 12.27 -36.52 -17.38
N SER A 80 11.13 -35.98 -17.83
CA SER A 80 10.46 -34.92 -17.09
C SER A 80 9.99 -35.42 -15.73
N LEU A 81 10.19 -34.60 -14.70
CA LEU A 81 9.76 -34.92 -13.34
C LEU A 81 8.53 -34.13 -12.93
N LEU A 82 7.79 -33.58 -13.89
CA LEU A 82 6.49 -32.97 -13.69
C LEU A 82 5.47 -33.62 -14.62
N PRO A 83 4.19 -33.64 -14.24
CA PRO A 83 3.18 -34.26 -15.11
C PRO A 83 3.07 -33.53 -16.45
N ASN A 84 2.68 -34.30 -17.47
CA ASN A 84 2.53 -33.74 -18.81
C ASN A 84 1.23 -32.95 -18.95
N VAL A 85 0.16 -33.41 -18.31
CA VAL A 85 -1.11 -32.70 -18.36
C VAL A 85 -1.02 -31.42 -17.52
N VAL A 86 -1.50 -30.32 -18.09
CA VAL A 86 -1.33 -29.01 -17.45
C VAL A 86 -1.99 -28.99 -16.08
N ASN A 87 -3.22 -29.49 -15.99
CA ASN A 87 -3.96 -29.40 -14.73
C ASN A 87 -3.34 -30.28 -13.64
N GLU A 88 -2.78 -31.43 -14.00
CA GLU A 88 -2.08 -32.23 -13.01
C GLU A 88 -0.79 -31.56 -12.57
N ARG A 89 -0.11 -30.88 -13.49
CA ARG A 89 1.15 -30.22 -13.15
C ARG A 89 0.91 -29.02 -12.23
N ILE A 90 -0.20 -28.32 -12.42
CA ILE A 90 -0.52 -27.19 -11.55
C ILE A 90 -0.77 -27.67 -10.13
N LYS A 91 -1.42 -28.83 -9.97
CA LYS A 91 -1.68 -29.34 -8.64
C LYS A 91 -0.42 -29.93 -8.00
N ILE A 92 0.51 -30.43 -8.81
CA ILE A 92 1.77 -30.92 -8.27
C ILE A 92 2.61 -29.76 -7.76
N ARG A 93 2.60 -28.64 -8.49
CA ARG A 93 3.34 -27.46 -8.04
C ARG A 93 2.80 -26.95 -6.72
N LEU A 94 1.47 -26.97 -6.54
CA LEU A 94 0.90 -26.57 -5.26
C LEU A 94 1.24 -27.56 -4.16
N SER A 95 1.28 -28.85 -4.48
CA SER A 95 1.67 -29.85 -3.50
C SER A 95 3.10 -29.66 -3.04
N LEU A 96 4.00 -29.33 -3.98
CA LEU A 96 5.39 -29.07 -3.61
C LEU A 96 5.50 -27.90 -2.64
N ASP A 97 4.71 -26.86 -2.87
CA ASP A 97 4.73 -25.72 -1.96
C ASP A 97 4.15 -26.09 -0.60
N LYS A 98 3.13 -26.96 -0.59
CA LYS A 98 2.56 -27.41 0.68
C LYS A 98 3.50 -28.33 1.43
N ILE A 99 4.29 -29.15 0.71
CA ILE A 99 5.22 -30.04 1.39
C ILE A 99 6.39 -29.25 1.97
N ASP A 100 6.89 -28.26 1.24
CA ASP A 100 8.02 -27.48 1.73
C ASP A 100 7.65 -26.56 2.89
N ASN A 101 6.40 -26.08 2.93
CA ASN A 101 6.02 -25.08 3.91
C ASN A 101 5.24 -25.64 5.09
N GLU A 102 4.59 -26.79 4.95
CA GLU A 102 3.72 -27.32 5.99
C GLU A 102 4.14 -28.67 6.54
N TRP A 103 5.03 -29.40 5.85
CA TRP A 103 5.44 -30.72 6.30
C TRP A 103 6.91 -30.83 6.62
N TYR A 104 7.78 -30.20 5.83
CA TYR A 104 9.19 -30.15 6.19
C TYR A 104 9.45 -29.45 7.53
N PRO A 105 8.73 -28.37 7.90
CA PRO A 105 8.92 -27.84 9.26
C PRO A 105 8.60 -28.82 10.36
N VAL A 106 7.72 -29.79 10.11
CA VAL A 106 7.45 -30.82 11.11
C VAL A 106 8.71 -31.66 11.35
N LEU A 107 9.44 -31.98 10.29
CA LEU A 107 10.72 -32.64 10.46
C LEU A 107 11.72 -31.74 11.19
N ASP A 108 11.69 -30.44 10.89
CA ASP A 108 12.64 -29.52 11.50
C ASP A 108 12.42 -29.42 13.00
N GLN A 109 11.16 -29.35 13.45
CA GLN A 109 10.89 -29.25 14.87
C GLN A 109 11.15 -30.56 15.60
N ILE A 110 11.01 -31.69 14.89
CA ILE A 110 11.31 -32.98 15.50
C ILE A 110 12.81 -33.10 15.77
N ARG A 111 13.64 -32.58 14.86
CA ARG A 111 15.08 -32.59 15.07
C ARG A 111 15.48 -31.69 16.24
N LYS A 112 14.91 -30.49 16.29
CA LYS A 112 15.36 -29.50 17.26
C LYS A 112 15.02 -29.90 18.70
N HIS A 113 13.94 -30.62 18.90
CA HIS A 113 13.48 -31.00 20.23
C HIS A 113 13.57 -32.51 20.47
N ARG A 114 14.46 -33.19 19.75
CA ARG A 114 14.59 -34.64 19.88
C ARG A 114 15.15 -35.05 21.25
N SER A 115 15.75 -34.11 21.98
CA SER A 115 16.22 -34.41 23.33
C SER A 115 15.05 -34.53 24.32
N ASP A 116 13.96 -33.82 24.07
CA ASP A 116 12.78 -33.86 24.93
C ASP A 116 11.91 -35.01 24.46
N GLN A 117 11.90 -36.11 25.22
CA GLN A 117 11.14 -37.29 24.85
C GLN A 117 9.64 -37.01 24.86
N LYS A 118 9.15 -36.33 25.89
CA LYS A 118 7.71 -36.10 26.01
C LYS A 118 7.21 -35.17 24.90
N MET A 119 8.00 -34.15 24.54
CA MET A 119 7.63 -33.32 23.41
C MET A 119 7.72 -34.10 22.10
N LEU A 120 8.61 -35.10 22.03
CA LEU A 120 8.74 -35.90 20.83
C LEU A 120 7.54 -36.82 20.65
N GLU A 121 7.07 -37.44 21.74
CA GLU A 121 5.93 -38.36 21.64
C GLU A 121 4.69 -37.65 21.12
N SER A 122 4.47 -36.40 21.54
CA SER A 122 3.33 -35.65 21.07
C SER A 122 3.49 -35.25 19.61
N MET A 123 4.71 -34.89 19.20
CA MET A 123 4.96 -34.54 17.81
C MET A 123 4.74 -35.73 16.88
N PHE A 124 5.20 -36.92 17.29
CA PHE A 124 4.94 -38.13 16.52
C PHE A 124 3.45 -38.43 16.48
N LYS A 125 2.73 -38.13 17.57
CA LYS A 125 1.30 -38.42 17.63
C LYS A 125 0.52 -37.51 16.68
N ASP A 126 0.86 -36.22 16.64
CA ASP A 126 0.18 -35.30 15.73
C ASP A 126 0.55 -35.57 14.29
N LEU A 127 1.75 -36.10 14.03
CA LEU A 127 2.14 -36.39 12.66
C LEU A 127 1.45 -37.66 12.15
N LYS A 128 1.18 -38.62 13.03
CA LYS A 128 0.40 -39.79 12.62
C LYS A 128 -1.03 -39.42 12.29
N GLU A 129 -1.66 -38.56 13.11
CA GLU A 129 -3.03 -38.14 12.84
C GLU A 129 -3.11 -37.34 11.54
N SER A 130 -2.10 -36.54 11.24
CA SER A 130 -2.09 -35.79 9.99
C SER A 130 -2.04 -36.73 8.79
N LEU A 131 -1.19 -37.75 8.85
CA LEU A 131 -1.07 -38.69 7.74
C LEU A 131 -2.35 -39.49 7.56
N LEU A 132 -2.87 -40.07 8.64
CA LEU A 132 -4.09 -40.88 8.56
C LEU A 132 -5.29 -40.07 8.07
N ALA A 133 -5.28 -38.76 8.24
CA ALA A 133 -6.40 -37.95 7.78
C ALA A 133 -6.45 -37.90 6.25
N MET A 134 -5.31 -37.84 5.59
CA MET A 134 -5.24 -37.80 4.13
C MET A 134 -4.86 -39.15 3.55
N GLU A 135 -5.32 -40.25 4.15
CA GLU A 135 -5.10 -41.57 3.59
C GLU A 135 -5.88 -41.76 2.29
N LYS A 136 -6.97 -41.03 2.10
CA LYS A 136 -7.77 -41.17 0.88
C LYS A 136 -7.05 -40.61 -0.33
N ALA A 137 -6.17 -39.63 -0.13
CA ALA A 137 -5.46 -39.01 -1.25
C ALA A 137 -4.39 -39.90 -1.85
N PHE A 138 -4.05 -41.01 -1.19
CA PHE A 138 -3.03 -41.92 -1.67
C PHE A 138 -3.62 -43.17 -2.31
N THR A 139 -4.93 -43.19 -2.55
CA THR A 139 -5.60 -44.35 -3.13
C THR A 139 -5.80 -44.16 -4.63
N GLY A 140 -5.45 -45.17 -5.41
CA GLY A 140 -5.72 -45.16 -6.83
C GLY A 140 -4.69 -44.48 -7.70
N SER A 141 -3.44 -44.42 -7.25
CA SER A 141 -2.37 -43.83 -8.06
C SER A 141 -1.06 -44.52 -7.68
N GLU A 142 -0.30 -44.94 -8.69
CA GLU A 142 0.97 -45.61 -8.41
C GLU A 142 1.90 -44.72 -7.60
N PHE A 143 2.02 -43.45 -7.98
CA PHE A 143 2.80 -42.48 -7.24
C PHE A 143 1.87 -41.34 -6.81
N PHE A 144 2.46 -40.29 -6.24
CA PHE A 144 1.69 -39.24 -5.58
C PHE A 144 0.83 -38.51 -6.59
N ILE A 145 -0.49 -38.74 -6.50
CA ILE A 145 -1.54 -38.11 -7.31
C ILE A 145 -1.17 -37.94 -8.78
N SER A 146 -0.29 -38.80 -9.29
CA SER A 146 0.14 -38.70 -10.67
C SER A 146 0.35 -40.09 -11.25
N SER A 147 0.36 -40.16 -12.58
CA SER A 147 0.61 -41.42 -13.27
C SER A 147 2.04 -41.89 -13.06
N GLY A 148 3.01 -40.97 -13.14
CA GLY A 148 4.41 -41.31 -13.08
C GLY A 148 5.14 -40.60 -11.94
N PHE A 149 6.43 -40.91 -11.84
CA PHE A 149 7.28 -40.37 -10.80
C PHE A 149 7.52 -38.89 -11.03
N THR A 150 7.25 -38.07 -10.01
CA THR A 150 7.40 -36.62 -10.08
C THR A 150 8.37 -36.13 -9.01
N LEU A 151 8.54 -34.81 -8.96
CA LEU A 151 9.35 -34.21 -7.90
C LEU A 151 8.71 -34.38 -6.53
N ALA A 152 7.37 -34.45 -6.48
CA ALA A 152 6.69 -34.67 -5.22
C ALA A 152 7.12 -35.99 -4.58
N ASP A 153 7.29 -37.03 -5.41
CA ASP A 153 7.77 -38.30 -4.89
C ASP A 153 9.21 -38.18 -4.40
N CYS A 154 9.98 -37.25 -4.96
CA CYS A 154 11.32 -36.97 -4.44
C CYS A 154 11.24 -36.25 -3.10
N TYR A 155 10.37 -35.24 -3.00
CA TYR A 155 10.18 -34.54 -1.73
C TYR A 155 9.77 -35.50 -0.63
N ILE A 156 8.79 -36.38 -0.93
CA ILE A 156 8.22 -37.24 0.09
C ILE A 156 9.20 -38.32 0.51
N ALA A 157 9.97 -38.87 -0.45
CA ALA A 157 10.92 -39.92 -0.13
C ALA A 157 11.98 -39.42 0.85
N ALA A 158 12.60 -38.28 0.54
CA ALA A 158 13.61 -37.72 1.44
C ALA A 158 13.00 -37.37 2.80
N LEU A 159 11.73 -36.97 2.82
CA LEU A 159 11.09 -36.67 4.09
C LEU A 159 10.85 -37.93 4.90
N ILE A 160 10.51 -39.04 4.24
CA ILE A 160 10.28 -40.30 4.95
C ILE A 160 11.61 -40.87 5.45
N ILE A 161 12.66 -40.80 4.63
CA ILE A 161 13.97 -41.31 5.04
C ILE A 161 14.43 -40.60 6.31
N CYS A 162 14.31 -39.27 6.36
CA CYS A 162 14.76 -38.51 7.52
C CYS A 162 13.82 -38.68 8.71
N LEU A 163 12.52 -38.83 8.47
CA LEU A 163 11.61 -39.13 9.58
C LEU A 163 11.89 -40.51 10.15
N GLU A 164 12.25 -41.46 9.28
CA GLU A 164 12.64 -42.77 9.74
C GLU A 164 13.87 -42.72 10.63
N ALA A 165 14.86 -41.89 10.26
CA ALA A 165 16.07 -41.82 11.09
C ALA A 165 15.78 -41.23 12.46
N GLU A 166 14.80 -40.32 12.54
CA GLU A 166 14.38 -39.71 13.80
C GLU A 166 13.53 -40.64 14.64
N GLY A 167 13.13 -41.79 14.11
CA GLY A 167 12.33 -42.75 14.85
C GLY A 167 10.90 -42.85 14.41
N PHE A 168 10.46 -42.01 13.47
CA PHE A 168 9.09 -42.03 12.97
C PHE A 168 9.02 -42.99 11.79
N ILE A 169 8.31 -44.10 11.97
CA ILE A 169 8.20 -45.15 10.96
C ILE A 169 6.78 -45.16 10.41
N ILE A 170 6.66 -45.32 9.10
CA ILE A 170 5.38 -45.53 8.44
C ILE A 170 5.23 -47.04 8.23
N ASP A 171 4.29 -47.65 8.94
CA ASP A 171 4.14 -49.10 8.96
C ASP A 171 2.76 -49.50 8.43
N ASP A 172 2.38 -50.75 8.72
CA ASP A 172 1.15 -51.34 8.17
C ASP A 172 -0.08 -50.49 8.42
N GLU A 173 -0.07 -49.68 9.47
CA GLU A 173 -1.29 -49.02 9.93
C GLU A 173 -1.71 -47.83 9.07
N TYR A 174 -0.85 -47.37 8.15
CA TYR A 174 -1.16 -46.19 7.35
C TYR A 174 -1.88 -46.53 6.04
N GLY A 175 -1.99 -47.80 5.70
CA GLY A 175 -2.80 -48.22 4.56
C GLY A 175 -2.22 -47.85 3.22
N ALA A 176 -2.97 -47.10 2.42
CA ALA A 176 -2.50 -46.72 1.08
C ALA A 176 -1.21 -45.91 1.16
N ILE A 177 -1.03 -45.15 2.23
CA ILE A 177 0.23 -44.45 2.44
C ILE A 177 1.37 -45.44 2.58
N TYR A 178 1.15 -46.52 3.34
CA TYR A 178 2.19 -47.52 3.54
C TYR A 178 2.53 -48.25 2.23
N GLU A 179 1.50 -48.57 1.44
CA GLU A 179 1.76 -49.19 0.14
C GLU A 179 2.54 -48.25 -0.77
N TYR A 180 2.13 -46.98 -0.81
CA TYR A 180 2.88 -45.99 -1.57
C TYR A 180 4.33 -45.90 -1.10
N LYS A 181 4.54 -45.97 0.22
CA LYS A 181 5.91 -45.96 0.75
C LYS A 181 6.69 -47.18 0.28
N LYS A 182 6.07 -48.36 0.33
CA LYS A 182 6.73 -49.56 -0.16
C LYS A 182 7.07 -49.44 -1.64
N ARG A 183 6.11 -48.99 -2.45
CA ARG A 183 6.39 -48.71 -3.85
C ARG A 183 7.49 -47.66 -4.00
N LEU A 184 7.42 -46.61 -3.19
CA LEU A 184 8.39 -45.52 -3.28
C LEU A 184 9.81 -46.02 -3.03
N PHE A 185 9.99 -46.83 -1.99
CA PHE A 185 11.32 -47.34 -1.65
C PHE A 185 11.77 -48.48 -2.56
N ALA A 186 10.85 -49.09 -3.30
CA ALA A 186 11.24 -50.10 -4.27
C ALA A 186 11.98 -49.49 -5.46
N ARG A 187 11.77 -48.20 -5.71
CA ARG A 187 12.35 -47.57 -6.88
C ARG A 187 13.86 -47.39 -6.71
N ASP A 188 14.59 -47.49 -7.83
CA ASP A 188 16.04 -47.59 -7.76
C ASP A 188 16.67 -46.31 -7.22
N SER A 189 16.20 -45.15 -7.69
CA SER A 189 16.82 -43.89 -7.27
C SER A 189 16.60 -43.62 -5.79
N VAL A 190 15.42 -43.99 -5.27
CA VAL A 190 15.13 -43.76 -3.85
C VAL A 190 16.01 -44.65 -2.98
N LYS A 191 16.08 -45.94 -3.30
CA LYS A 191 16.85 -46.86 -2.47
C LYS A 191 18.35 -46.72 -2.65
N LYS A 192 18.80 -46.19 -3.80
CA LYS A 192 20.22 -45.88 -3.95
C LYS A 192 20.63 -44.76 -3.01
N ALA A 193 19.71 -43.85 -2.70
CA ALA A 193 19.97 -42.78 -1.75
C ALA A 193 19.63 -43.16 -0.32
N ASN A 194 18.85 -44.23 -0.13
CA ASN A 194 18.41 -44.62 1.21
C ASN A 194 19.44 -45.47 1.94
N ILE A 195 20.39 -46.07 1.24
CA ILE A 195 21.37 -46.94 1.88
C ILE A 195 22.34 -46.09 2.70
N LYS A 196 22.67 -46.57 3.89
CA LYS A 196 23.55 -45.85 4.81
C LYS A 196 23.96 -46.75 5.97
N ALA B 3 -13.97 -20.75 -17.92
CA ALA B 3 -14.16 -21.56 -16.71
C ALA B 3 -13.26 -21.07 -15.59
N MET B 4 -12.31 -20.19 -15.92
CA MET B 4 -11.29 -19.77 -14.98
C MET B 4 -11.77 -18.56 -14.18
N LEU B 5 -11.55 -18.61 -12.86
CA LEU B 5 -12.04 -17.62 -11.92
C LEU B 5 -10.89 -17.14 -11.05
N LEU B 6 -10.82 -15.82 -10.83
CA LEU B 6 -9.79 -15.23 -9.98
C LEU B 6 -10.47 -14.50 -8.82
N TYR B 7 -10.32 -15.04 -7.62
CA TYR B 7 -10.83 -14.38 -6.43
C TYR B 7 -9.89 -13.23 -6.04
N THR B 8 -10.46 -12.07 -5.78
CA THR B 8 -9.70 -10.83 -5.68
C THR B 8 -10.23 -10.01 -4.51
N LYS B 9 -9.31 -9.24 -3.90
CA LYS B 9 -9.66 -8.27 -2.87
C LYS B 9 -9.11 -6.91 -3.27
N LYS B 10 -9.88 -5.85 -2.99
CA LYS B 10 -9.44 -4.51 -3.32
C LYS B 10 -8.21 -4.12 -2.51
N ASP B 11 -7.30 -3.38 -3.16
CA ASP B 11 -6.06 -2.90 -2.54
C ASP B 11 -5.15 -4.04 -2.08
N ASP B 12 -5.32 -5.23 -2.65
CA ASP B 12 -4.40 -6.33 -2.40
C ASP B 12 -3.34 -6.33 -3.49
N ILE B 13 -2.07 -6.20 -3.10
CA ILE B 13 -1.01 -6.08 -4.10
C ILE B 13 -0.82 -7.39 -4.85
N TYR B 14 -1.06 -8.53 -4.19
CA TYR B 14 -1.00 -9.81 -4.90
C TYR B 14 -2.09 -9.89 -5.97
N SER B 15 -3.29 -9.42 -5.63
CA SER B 15 -4.39 -9.45 -6.59
C SER B 15 -4.09 -8.58 -7.81
N ASP B 16 -3.47 -7.42 -7.58
CA ASP B 16 -3.19 -6.51 -8.69
C ASP B 16 -2.08 -7.05 -9.58
N ILE B 17 -1.10 -7.74 -8.99
CA ILE B 17 -0.04 -8.35 -9.79
C ILE B 17 -0.63 -9.41 -10.72
N VAL B 18 -1.43 -10.32 -10.16
CA VAL B 18 -1.98 -11.42 -10.95
C VAL B 18 -2.92 -10.88 -12.03
N ARG B 19 -3.71 -9.86 -11.70
CA ARG B 19 -4.62 -9.29 -12.70
C ARG B 19 -3.87 -8.68 -13.87
N MET B 20 -2.70 -8.10 -13.61
CA MET B 20 -1.90 -7.58 -14.72
C MET B 20 -1.25 -8.71 -15.51
N ILE B 21 -0.90 -9.80 -14.84
CA ILE B 21 -0.31 -10.95 -15.56
C ILE B 21 -1.36 -11.58 -16.46
N LEU B 22 -2.54 -11.88 -15.92
CA LEU B 22 -3.62 -12.43 -16.73
C LEU B 22 -3.97 -11.51 -17.89
N LEU B 23 -3.86 -10.19 -17.69
CA LEU B 23 -4.16 -9.24 -18.77
C LEU B 23 -3.16 -9.36 -19.91
N ILE B 24 -1.87 -9.54 -19.58
CA ILE B 24 -0.85 -9.59 -20.63
C ILE B 24 -0.95 -10.89 -21.41
N LYS B 25 -1.19 -12.01 -20.73
CA LYS B 25 -1.26 -13.30 -21.41
C LYS B 25 -2.49 -13.45 -22.28
N GLY B 26 -3.31 -12.41 -22.42
CA GLY B 26 -4.52 -12.51 -23.21
C GLY B 26 -5.62 -13.36 -22.61
N ALA B 27 -5.43 -13.84 -21.38
CA ALA B 27 -6.42 -14.67 -20.74
C ALA B 27 -7.68 -13.88 -20.45
N ASN B 28 -8.80 -14.61 -20.32
CA ASN B 28 -10.08 -14.04 -19.92
C ASN B 28 -10.61 -14.86 -18.74
N ALA B 29 -10.27 -14.40 -17.54
CA ALA B 29 -10.77 -14.99 -16.31
C ALA B 29 -11.79 -14.05 -15.69
N LYS B 30 -12.73 -14.62 -14.95
CA LYS B 30 -13.73 -13.83 -14.26
C LYS B 30 -13.11 -13.27 -12.98
N ILE B 31 -12.88 -11.96 -12.94
CA ILE B 31 -12.35 -11.31 -11.76
C ILE B 31 -13.50 -11.08 -10.79
N VAL B 32 -13.36 -11.60 -9.57
CA VAL B 32 -14.38 -11.46 -8.54
C VAL B 32 -13.74 -10.75 -7.36
N ASP B 33 -14.06 -9.47 -7.18
CA ASP B 33 -13.69 -8.76 -5.96
C ASP B 33 -14.50 -9.39 -4.83
N VAL B 34 -13.82 -10.17 -3.98
CA VAL B 34 -14.50 -10.86 -2.89
C VAL B 34 -14.88 -9.92 -1.75
N SER B 35 -14.23 -8.75 -1.67
CA SER B 35 -14.54 -7.79 -0.61
C SER B 35 -15.91 -7.13 -0.78
N LYS B 36 -16.47 -7.12 -1.98
CA LYS B 36 -17.75 -6.49 -2.21
C LYS B 36 -18.89 -7.41 -1.80
N GLU B 37 -19.99 -6.79 -1.33
CA GLU B 37 -21.09 -7.56 -0.75
C GLU B 37 -21.87 -8.31 -1.83
N GLU B 38 -21.90 -7.79 -3.05
CA GLU B 38 -22.62 -8.47 -4.13
C GLU B 38 -22.00 -9.83 -4.44
N ASN B 39 -20.68 -9.95 -4.31
CA ASN B 39 -19.97 -11.20 -4.58
C ASN B 39 -19.80 -12.06 -3.34
N SER B 40 -20.62 -11.86 -2.31
CA SER B 40 -20.50 -12.62 -1.09
C SER B 40 -20.82 -14.10 -1.27
N LYS B 41 -21.60 -14.45 -2.30
CA LYS B 41 -21.82 -15.85 -2.61
C LYS B 41 -20.54 -16.52 -3.09
N HIS B 42 -19.67 -15.77 -3.77
CA HIS B 42 -18.36 -16.29 -4.15
C HIS B 42 -17.45 -16.41 -2.94
N LEU B 43 -17.60 -15.52 -1.95
CA LEU B 43 -16.80 -15.61 -0.73
C LEU B 43 -17.09 -16.93 -0.01
N GLU B 44 -18.37 -17.31 0.08
CA GLU B 44 -18.71 -18.60 0.66
C GLU B 44 -18.08 -19.75 -0.12
N GLU B 45 -18.04 -19.63 -1.44
CA GLU B 45 -17.43 -20.67 -2.27
C GLU B 45 -15.92 -20.72 -2.07
N LEU B 46 -15.28 -19.59 -1.76
CA LEU B 46 -13.84 -19.56 -1.64
C LEU B 46 -13.37 -20.33 -0.40
N ASN B 47 -14.02 -20.10 0.75
CA ASN B 47 -13.63 -20.80 1.97
C ASN B 47 -13.89 -22.30 1.89
N ILE B 48 -14.66 -22.76 0.91
CA ILE B 48 -14.84 -24.19 0.70
C ILE B 48 -13.63 -24.79 0.00
N ILE B 49 -13.15 -24.12 -1.06
CA ILE B 49 -12.09 -24.67 -1.90
C ILE B 49 -10.70 -24.27 -1.45
N THR B 50 -10.58 -23.41 -0.43
CA THR B 50 -9.28 -23.00 0.08
C THR B 50 -9.27 -23.10 1.59
N PRO B 51 -8.11 -23.40 2.19
CA PRO B 51 -8.07 -23.59 3.65
C PRO B 51 -8.37 -22.33 4.45
N ASN B 52 -8.00 -21.15 3.95
CA ASN B 52 -8.16 -19.92 4.73
C ASN B 52 -8.82 -18.80 3.94
N GLY B 53 -9.57 -19.13 2.89
CA GLY B 53 -10.13 -18.11 2.02
C GLY B 53 -9.03 -17.28 1.41
N ASN B 54 -8.04 -17.95 0.83
CA ASN B 54 -6.80 -17.30 0.41
C ASN B 54 -7.06 -16.32 -0.73
N ILE B 55 -6.46 -15.14 -0.62
CA ILE B 55 -6.56 -14.12 -1.66
C ILE B 55 -5.15 -13.73 -2.11
N PRO B 56 -4.91 -13.79 -3.43
CA PRO B 56 -5.91 -14.20 -4.42
C PRO B 56 -5.90 -15.70 -4.65
N THR B 57 -6.90 -16.21 -5.37
CA THR B 57 -7.01 -17.63 -5.68
C THR B 57 -7.45 -17.79 -7.12
N LEU B 58 -6.68 -18.57 -7.88
CA LEU B 58 -7.01 -18.92 -9.25
C LEU B 58 -7.69 -20.28 -9.25
N SER B 59 -8.96 -20.32 -9.63
CA SER B 59 -9.74 -21.54 -9.57
C SER B 59 -10.35 -21.86 -10.92
N THR B 60 -10.26 -23.14 -11.30
CA THR B 60 -10.98 -23.70 -12.43
C THR B 60 -11.76 -24.91 -11.92
N ASP B 61 -12.48 -25.58 -12.82
CA ASP B 61 -13.20 -26.79 -12.44
C ASP B 61 -12.27 -27.88 -11.92
N ASP B 62 -10.96 -27.75 -12.15
CA ASP B 62 -10.00 -28.79 -11.81
C ASP B 62 -9.10 -28.46 -10.63
N PHE B 63 -8.87 -27.18 -10.33
CA PHE B 63 -7.92 -26.83 -9.29
C PHE B 63 -8.32 -25.51 -8.64
N ALA B 64 -7.58 -25.16 -7.58
CA ALA B 64 -7.69 -23.87 -6.92
C ALA B 64 -6.36 -23.60 -6.22
N VAL B 65 -5.58 -22.65 -6.73
CA VAL B 65 -4.24 -22.36 -6.25
C VAL B 65 -4.20 -20.92 -5.75
N TYR B 66 -3.31 -20.65 -4.78
CA TYR B 66 -3.41 -19.39 -4.07
C TYR B 66 -2.11 -18.71 -3.66
N ARG B 67 -0.95 -19.37 -3.70
CA ARG B 67 0.29 -18.69 -3.36
C ARG B 67 0.92 -18.09 -4.62
N LEU B 68 1.49 -16.90 -4.48
CA LEU B 68 1.83 -16.09 -5.66
C LEU B 68 2.78 -16.82 -6.60
N SER B 69 3.81 -17.46 -6.06
CA SER B 69 4.74 -18.21 -6.91
C SER B 69 4.03 -19.34 -7.63
N VAL B 70 3.07 -19.99 -6.96
CA VAL B 70 2.33 -21.08 -7.59
C VAL B 70 1.39 -20.54 -8.65
N ILE B 71 0.72 -19.42 -8.37
CA ILE B 71 -0.21 -18.84 -9.33
C ILE B 71 0.53 -18.41 -10.59
N ILE B 72 1.69 -17.76 -10.43
CA ILE B 72 2.46 -17.32 -11.59
C ILE B 72 2.94 -18.51 -12.41
N GLU B 73 3.38 -19.58 -11.74
CA GLU B 73 3.78 -20.78 -12.46
C GLU B 73 2.58 -21.42 -13.15
N ALA B 74 1.42 -21.43 -12.50
CA ALA B 74 0.23 -22.04 -13.10
C ALA B 74 -0.25 -21.25 -14.31
N ILE B 75 -0.25 -19.92 -14.21
CA ILE B 75 -0.64 -19.07 -15.34
C ILE B 75 0.28 -19.33 -16.53
N GLU B 76 1.57 -19.57 -16.25
CA GLU B 76 2.51 -19.84 -17.34
C GLU B 76 2.19 -21.16 -18.03
N ASP B 77 1.63 -22.13 -17.31
CA ASP B 77 1.24 -23.39 -17.96
C ASP B 77 -0.02 -23.20 -18.79
N LEU B 78 -0.99 -22.45 -18.28
CA LEU B 78 -2.26 -22.27 -18.97
C LEU B 78 -2.14 -21.35 -20.18
N TYR B 79 -1.20 -20.41 -20.16
CA TYR B 79 -1.06 -19.43 -21.23
C TYR B 79 0.42 -19.22 -21.54
N PRO B 80 0.96 -19.98 -22.51
CA PRO B 80 2.39 -19.88 -22.80
C PRO B 80 2.83 -18.56 -23.46
N PHE B 81 1.89 -17.75 -23.96
CA PHE B 81 2.27 -16.56 -24.72
C PHE B 81 1.82 -15.27 -24.04
N PRO B 82 2.76 -14.32 -23.84
CA PRO B 82 4.20 -14.42 -24.09
C PRO B 82 4.91 -15.14 -22.95
N PRO B 83 6.15 -15.58 -23.14
CA PRO B 83 6.84 -16.33 -22.08
C PRO B 83 6.96 -15.51 -20.80
N MET B 84 6.69 -16.17 -19.67
CA MET B 84 6.71 -15.50 -18.37
C MET B 84 8.14 -15.27 -17.88
N PHE B 85 8.97 -16.30 -17.93
CA PHE B 85 10.31 -16.31 -17.36
C PHE B 85 11.36 -16.20 -18.46
N PRO B 86 12.64 -16.01 -18.08
CA PRO B 86 13.72 -16.03 -19.09
C PRO B 86 13.78 -17.36 -19.84
N VAL B 87 14.70 -17.47 -20.79
CA VAL B 87 14.73 -18.65 -21.66
C VAL B 87 15.70 -19.72 -21.15
N PHE B 88 16.77 -19.33 -20.40
CA PHE B 88 17.78 -20.29 -19.99
C PHE B 88 17.59 -20.70 -18.54
N PRO B 89 17.95 -21.94 -18.19
CA PRO B 89 17.56 -22.47 -16.87
C PRO B 89 18.20 -21.75 -15.70
N LYS B 90 19.46 -21.32 -15.83
CA LYS B 90 20.09 -20.58 -14.74
C LYS B 90 19.42 -19.23 -14.51
N GLN B 91 19.05 -18.55 -15.60
CA GLN B 91 18.33 -17.29 -15.48
C GLN B 91 16.94 -17.50 -14.88
N ARG B 92 16.24 -18.55 -15.31
CA ARG B 92 14.93 -18.84 -14.75
C ARG B 92 15.01 -19.14 -13.27
N ALA B 93 16.03 -19.91 -12.85
CA ALA B 93 16.22 -20.16 -11.43
C ALA B 93 16.56 -18.87 -10.68
N ASN B 94 17.39 -18.02 -11.30
CA ASN B 94 17.70 -16.74 -10.67
C ASN B 94 16.47 -15.86 -10.56
N ALA B 95 15.57 -15.92 -11.54
CA ALA B 95 14.35 -15.14 -11.47
C ALA B 95 13.44 -15.63 -10.35
N ARG B 96 13.45 -16.93 -10.07
CA ARG B 96 12.61 -17.46 -9.01
C ARG B 96 13.19 -17.18 -7.63
N ILE B 97 14.51 -17.17 -7.50
CA ILE B 97 15.12 -16.80 -6.23
C ILE B 97 14.87 -15.32 -5.92
N LEU B 98 15.02 -14.46 -6.94
CA LEU B 98 14.78 -13.04 -6.73
C LEU B 98 13.31 -12.77 -6.47
N LEU B 99 12.41 -13.53 -7.11
CA LEU B 99 10.99 -13.37 -6.86
C LEU B 99 10.64 -13.81 -5.44
N GLU B 100 11.30 -14.84 -4.93
CA GLU B 100 11.09 -15.25 -3.54
C GLU B 100 11.55 -14.15 -2.59
N TYR B 101 12.63 -13.43 -2.94
CA TYR B 101 13.13 -12.37 -2.09
C TYR B 101 12.20 -11.16 -2.10
N VAL B 102 11.78 -10.73 -3.30
CA VAL B 102 10.87 -9.59 -3.41
C VAL B 102 9.57 -9.87 -2.66
N ASN B 103 9.14 -11.12 -2.64
CA ASN B 103 7.93 -11.47 -1.90
C ASN B 103 8.14 -11.39 -0.40
N LYS B 104 9.29 -11.86 0.08
CA LYS B 104 9.53 -11.95 1.52
C LYS B 104 9.71 -10.57 2.14
N THR B 105 10.46 -9.69 1.48
CA THR B 105 10.85 -8.41 2.09
C THR B 105 9.91 -7.27 1.72
N PHE B 106 9.25 -7.31 0.57
CA PHE B 106 8.38 -6.23 0.14
C PHE B 106 6.91 -6.63 0.12
N LEU B 107 6.56 -7.71 -0.61
CA LEU B 107 5.16 -7.99 -0.90
C LEU B 107 4.37 -8.26 0.37
N GLN B 108 4.81 -9.20 1.20
CA GLN B 108 4.03 -9.53 2.39
C GLN B 108 4.22 -8.53 3.52
N ASN B 109 5.19 -7.62 3.42
CA ASN B 109 5.25 -6.50 4.35
C ASN B 109 4.31 -5.37 3.92
N ILE B 110 4.11 -5.21 2.61
CA ILE B 110 3.06 -4.31 2.13
C ILE B 110 1.70 -4.76 2.63
N ILE B 111 1.50 -6.08 2.74
CA ILE B 111 0.24 -6.61 3.23
C ILE B 111 0.11 -6.38 4.73
N LYS B 112 1.22 -6.57 5.47
CA LYS B 112 1.18 -6.37 6.92
C LYS B 112 0.82 -4.93 7.27
N LEU B 113 1.28 -3.97 6.47
CA LEU B 113 0.97 -2.57 6.72
C LEU B 113 -0.50 -2.23 6.55
N GLN B 114 -1.29 -3.16 6.01
CA GLN B 114 -2.74 -2.96 5.88
C GLN B 114 -3.50 -3.53 7.06
N SER B 115 -2.82 -4.11 8.04
CA SER B 115 -3.47 -4.54 9.27
C SER B 115 -3.95 -3.32 10.05
N PRO B 116 -5.13 -3.39 10.69
CA PRO B 116 -5.65 -2.23 11.42
C PRO B 116 -5.17 -2.12 12.87
N ASP B 117 -4.59 -3.18 13.43
CA ASP B 117 -4.16 -3.20 14.81
C ASP B 117 -2.64 -3.11 14.94
N LEU B 118 -2.02 -2.32 14.06
CA LEU B 118 -0.57 -2.18 14.04
C LEU B 118 -0.16 -0.97 14.87
N ASP B 119 0.90 -1.14 15.66
CA ASP B 119 1.43 -0.04 16.44
C ASP B 119 2.11 0.98 15.52
N GLU B 120 2.17 2.22 15.99
CA GLU B 120 2.88 3.26 15.24
C GLU B 120 4.33 2.86 14.99
N LYS B 121 5.04 2.50 16.06
CA LYS B 121 6.44 2.10 15.93
C LYS B 121 6.59 0.87 15.05
N GLN B 122 5.64 -0.05 15.13
CA GLN B 122 5.70 -1.25 14.30
C GLN B 122 5.56 -0.91 12.83
N ALA B 123 4.55 -0.11 12.48
CA ALA B 123 4.32 0.25 11.09
C ALA B 123 5.50 1.05 10.52
N ASN B 124 6.12 1.90 11.35
CA ASN B 124 7.22 2.71 10.87
C ASN B 124 8.48 1.89 10.65
N GLU B 125 8.70 0.84 11.46
CA GLU B 125 9.85 -0.03 11.22
C GLU B 125 9.68 -0.82 9.94
N ILE B 126 8.46 -1.25 9.64
CA ILE B 126 8.20 -1.98 8.40
C ILE B 126 8.46 -1.08 7.20
N LYS B 127 8.01 0.18 7.28
CA LYS B 127 8.23 1.11 6.18
C LYS B 127 9.71 1.44 6.02
N MET B 128 10.40 1.70 7.13
CA MET B 128 11.81 2.06 7.06
C MET B 128 12.67 0.90 6.58
N LEU B 129 12.29 -0.34 6.91
CA LEU B 129 13.07 -1.49 6.46
C LEU B 129 12.91 -1.71 4.95
N MET B 130 11.75 -1.38 4.39
CA MET B 130 11.57 -1.52 2.95
C MET B 130 12.28 -0.39 2.19
N GLN B 131 12.21 0.83 2.71
CA GLN B 131 12.99 1.93 2.14
C GLN B 131 14.47 1.60 2.11
N ARG B 132 14.95 0.83 3.09
CA ARG B 132 16.36 0.52 3.20
C ARG B 132 16.85 -0.29 2.00
N ASP B 133 16.02 -1.17 1.46
CA ASP B 133 16.44 -2.12 0.44
C ASP B 133 15.79 -1.91 -0.91
N ILE B 134 14.84 -0.96 -1.05
CA ILE B 134 14.04 -0.88 -2.26
C ILE B 134 14.92 -0.54 -3.47
N ILE B 135 15.80 0.44 -3.32
CA ILE B 135 16.62 0.86 -4.45
C ILE B 135 17.65 -0.22 -4.80
N SER B 136 18.27 -0.82 -3.78
CA SER B 136 19.19 -1.93 -4.03
C SER B 136 18.49 -3.08 -4.72
N THR B 137 17.26 -3.39 -4.30
CA THR B 137 16.49 -4.44 -4.96
C THR B 137 16.16 -4.07 -6.39
N TYR B 138 15.77 -2.82 -6.63
CA TYR B 138 15.43 -2.39 -7.98
C TYR B 138 16.62 -2.51 -8.92
N LYS B 139 17.83 -2.26 -8.42
CA LYS B 139 19.02 -2.32 -9.27
C LYS B 139 19.36 -3.76 -9.65
N LYS B 140 19.16 -4.70 -8.73
CA LYS B 140 19.34 -6.12 -9.08
C LYS B 140 18.36 -6.54 -10.17
N ILE B 141 17.11 -6.08 -10.08
CA ILE B 141 16.10 -6.45 -11.06
C ILE B 141 16.46 -5.91 -12.44
N VAL B 142 16.95 -4.67 -12.50
CA VAL B 142 17.35 -4.08 -13.77
C VAL B 142 18.54 -4.84 -14.35
N SER B 143 19.53 -5.17 -13.50
CA SER B 143 20.69 -5.92 -13.97
C SER B 143 20.29 -7.29 -14.49
N GLU B 144 19.51 -8.04 -13.71
CA GLU B 144 19.07 -9.36 -14.15
C GLU B 144 18.19 -9.28 -15.38
N ARG B 145 17.51 -8.15 -15.59
CA ARG B 145 16.75 -7.95 -16.82
C ARG B 145 17.67 -7.63 -17.99
N GLU B 146 18.75 -6.90 -17.75
CA GLU B 146 19.71 -6.62 -18.82
C GLU B 146 20.51 -7.87 -19.18
N VAL B 147 20.71 -8.77 -18.23
CA VAL B 147 21.42 -10.02 -18.52
C VAL B 147 20.58 -10.89 -19.47
N ASN B 148 19.29 -11.03 -19.18
CA ASN B 148 18.42 -11.87 -20.00
C ASN B 148 18.23 -11.28 -21.40
N ALA B 149 18.17 -9.95 -21.51
CA ALA B 149 18.09 -9.32 -22.82
C ALA B 149 19.34 -9.59 -23.64
N GLU B 150 20.50 -9.64 -22.97
CA GLU B 150 21.74 -9.92 -23.68
C GLU B 150 21.76 -11.36 -24.19
N SER B 151 21.26 -12.31 -23.38
CA SER B 151 21.24 -13.70 -23.79
C SER B 151 20.25 -13.96 -24.91
N ASN B 152 19.18 -13.15 -25.00
CA ASN B 152 18.16 -13.31 -26.02
C ASN B 152 17.64 -11.94 -26.43
N PRO B 153 18.17 -11.36 -27.50
CA PRO B 153 17.66 -10.07 -27.98
C PRO B 153 16.37 -10.22 -28.77
N ASP B 154 16.28 -11.29 -29.57
CA ASP B 154 15.07 -11.55 -30.34
C ASP B 154 13.88 -11.83 -29.42
N ALA B 155 14.10 -12.60 -28.36
CA ALA B 155 13.02 -12.98 -27.46
C ALA B 155 12.46 -11.76 -26.74
N GLN B 156 11.18 -11.84 -26.41
CA GLN B 156 10.49 -10.79 -25.65
C GLN B 156 9.58 -11.48 -24.64
N ASN B 157 10.12 -11.71 -23.44
CA ASN B 157 9.35 -12.25 -22.33
C ASN B 157 8.88 -11.13 -21.43
N ILE B 158 7.78 -11.35 -20.74
CA ILE B 158 7.31 -10.37 -19.75
C ILE B 158 8.18 -10.51 -18.51
N ASN B 159 9.08 -9.54 -18.30
CA ASN B 159 9.94 -9.60 -17.13
C ASN B 159 9.02 -9.48 -15.92
N VAL B 160 8.77 -10.60 -15.25
CA VAL B 160 7.79 -10.63 -14.16
C VAL B 160 8.30 -9.87 -12.94
N LEU B 161 9.62 -9.81 -12.75
CA LEU B 161 10.16 -9.07 -11.61
C LEU B 161 10.03 -7.57 -11.82
N THR B 162 10.25 -7.10 -13.06
CA THR B 162 10.00 -5.69 -13.35
C THR B 162 8.53 -5.34 -13.20
N LEU B 163 7.64 -6.29 -13.52
CA LEU B 163 6.22 -6.08 -13.30
C LEU B 163 5.90 -5.99 -11.82
N ILE B 164 6.38 -6.94 -11.02
CA ILE B 164 6.09 -6.96 -9.60
C ILE B 164 6.64 -5.72 -8.91
N ILE B 165 7.84 -5.29 -9.31
CA ILE B 165 8.45 -4.12 -8.68
C ILE B 165 7.70 -2.85 -9.04
N THR B 166 6.96 -2.83 -10.14
CA THR B 166 6.13 -1.68 -10.47
C THR B 166 5.03 -1.49 -9.43
N PHE B 167 4.44 -2.60 -8.97
CA PHE B 167 3.40 -2.51 -7.95
C PHE B 167 3.98 -2.19 -6.58
N VAL B 168 5.22 -2.62 -6.32
CA VAL B 168 5.88 -2.20 -5.08
C VAL B 168 6.01 -0.69 -5.05
N PHE B 169 6.40 -0.08 -6.18
CA PHE B 169 6.46 1.37 -6.26
C PHE B 169 5.08 1.99 -6.14
N TYR B 170 4.07 1.37 -6.76
CA TYR B 170 2.72 1.91 -6.71
C TYR B 170 2.17 1.88 -5.29
N TYR B 171 2.39 0.78 -4.57
CA TYR B 171 1.92 0.71 -3.19
C TYR B 171 2.81 1.52 -2.24
N PHE B 172 4.09 1.70 -2.59
CA PHE B 172 4.90 2.70 -1.90
C PHE B 172 4.21 4.06 -1.95
N ILE B 173 3.73 4.45 -3.12
CA ILE B 173 3.04 5.72 -3.27
C ILE B 173 1.69 5.69 -2.54
N LYS B 174 0.98 4.57 -2.63
CA LYS B 174 -0.32 4.47 -1.95
C LYS B 174 -0.16 4.60 -0.43
N LEU B 175 0.90 4.02 0.13
CA LEU B 175 1.11 4.02 1.57
C LEU B 175 1.96 5.20 2.02
N LYS B 176 2.12 6.22 1.17
CA LYS B 176 2.85 7.45 1.50
C LYS B 176 4.30 7.19 1.88
N ILE B 177 4.86 6.06 1.45
CA ILE B 177 6.26 5.74 1.69
C ILE B 177 7.10 6.35 0.58
N SER B 178 8.10 7.13 0.95
CA SER B 178 8.96 7.77 -0.03
C SER B 178 9.99 6.79 -0.57
N ILE B 179 10.33 6.97 -1.84
CA ILE B 179 11.35 6.16 -2.51
C ILE B 179 12.69 6.88 -2.32
N PRO B 180 13.61 6.35 -1.52
CA PRO B 180 14.79 7.13 -1.15
C PRO B 180 15.89 7.11 -2.19
N THR B 181 15.83 8.02 -3.16
CA THR B 181 16.87 8.14 -4.17
C THR B 181 16.79 9.53 -4.79
N LYS B 182 17.96 10.14 -4.96
CA LYS B 182 18.09 11.39 -5.70
C LYS B 182 18.56 11.16 -7.13
N ASP B 183 18.75 9.90 -7.52
CA ASP B 183 19.19 9.56 -8.87
C ASP B 183 18.09 9.90 -9.86
N LYS B 184 18.31 10.93 -10.67
CA LYS B 184 17.28 11.38 -11.61
C LYS B 184 16.98 10.33 -12.67
N ASN B 185 17.92 9.42 -12.95
CA ASN B 185 17.65 8.34 -13.90
C ASN B 185 16.70 7.30 -13.30
N ILE B 186 16.96 6.89 -12.05
CA ILE B 186 16.07 5.94 -11.39
C ILE B 186 14.66 6.52 -11.27
N ILE B 187 14.57 7.80 -10.91
CA ILE B 187 13.26 8.46 -10.85
C ILE B 187 12.62 8.49 -12.24
N LYS B 188 13.43 8.70 -13.28
CA LYS B 188 12.89 8.69 -14.63
C LYS B 188 12.34 7.32 -15.00
N GLU B 189 13.00 6.26 -14.54
CA GLU B 189 12.57 4.91 -14.89
C GLU B 189 11.34 4.50 -14.09
N ILE B 190 11.25 4.90 -12.81
CA ILE B 190 10.09 4.56 -12.00
C ILE B 190 8.84 5.22 -12.58
N LYS B 191 8.95 6.47 -13.03
CA LYS B 191 7.82 7.13 -13.69
C LYS B 191 7.42 6.40 -14.96
N GLU B 192 8.40 5.85 -15.68
CA GLU B 192 8.09 5.13 -16.92
C GLU B 192 7.47 3.77 -16.63
N LEU B 193 7.92 3.11 -15.55
CA LEU B 193 7.28 1.86 -15.13
C LEU B 193 5.80 2.08 -14.82
N LEU B 194 5.49 3.12 -14.05
CA LEU B 194 4.11 3.42 -13.68
C LEU B 194 3.29 3.93 -14.85
N SER B 195 3.89 4.19 -16.00
CA SER B 195 3.18 4.70 -17.16
C SER B 195 3.02 3.66 -18.27
N GLU B 196 3.37 2.40 -18.00
CA GLU B 196 3.12 1.35 -18.96
C GLU B 196 1.62 1.18 -19.15
N PRO B 197 1.13 1.06 -20.38
CA PRO B 197 -0.33 1.02 -20.59
C PRO B 197 -1.01 -0.15 -19.91
N ASN B 198 -0.39 -1.33 -19.89
CA ASN B 198 -1.01 -2.47 -19.23
C ASN B 198 -1.14 -2.25 -17.74
N PHE B 199 -0.17 -1.55 -17.12
CA PHE B 199 -0.28 -1.25 -15.70
C PHE B 199 -1.41 -0.25 -15.44
N ILE B 200 -1.50 0.79 -16.28
CA ILE B 200 -2.55 1.80 -16.11
C ILE B 200 -3.93 1.17 -16.24
N LYS B 201 -4.09 0.23 -17.17
CA LYS B 201 -5.36 -0.45 -17.31
C LYS B 201 -5.69 -1.30 -16.10
N THR B 202 -4.67 -1.81 -15.40
CA THR B 202 -4.91 -2.68 -14.25
C THR B 202 -5.42 -1.89 -13.05
N ILE B 203 -4.84 -0.72 -12.80
CA ILE B 203 -5.26 0.12 -11.69
C ILE B 203 -6.42 1.00 -12.12
N LYS B 204 -7.21 0.51 -13.07
CA LYS B 204 -8.39 1.20 -13.60
C LYS B 204 -8.01 2.53 -14.25
N ASN C 2 -5.85 -1.76 26.89
CA ASN C 2 -5.97 -2.86 25.94
C ASN C 2 -6.67 -2.43 24.67
N ALA C 3 -6.41 -1.19 24.24
CA ALA C 3 -6.98 -0.64 23.02
C ALA C 3 -5.92 0.18 22.31
N MET C 4 -6.10 0.33 20.99
CA MET C 4 -5.12 1.05 20.18
C MET C 4 -5.29 2.56 20.33
N VAL C 5 -6.50 3.08 20.13
CA VAL C 5 -6.74 4.51 20.18
C VAL C 5 -7.89 4.78 21.15
N THR C 6 -7.92 6.01 21.65
CA THR C 6 -8.98 6.50 22.53
C THR C 6 -9.56 7.77 21.92
N LEU C 7 -10.88 7.80 21.79
CA LEU C 7 -11.57 8.92 21.13
C LEU C 7 -12.53 9.57 22.11
N TYR C 8 -12.17 10.75 22.59
CA TYR C 8 -13.06 11.54 23.44
C TYR C 8 -13.99 12.36 22.54
N THR C 9 -15.29 12.29 22.81
CA THR C 9 -16.30 12.86 21.91
C THR C 9 -17.23 13.79 22.67
N THR C 10 -18.22 14.31 21.94
CA THR C 10 -19.27 15.17 22.46
C THR C 10 -20.60 14.70 21.87
N LYS C 11 -21.66 14.76 22.68
CA LYS C 11 -22.92 14.11 22.32
C LYS C 11 -23.50 14.66 21.02
N TYR C 12 -23.45 15.98 20.83
CA TYR C 12 -24.12 16.64 19.71
C TYR C 12 -23.13 17.25 18.72
N CYS C 13 -22.01 16.57 18.48
CA CYS C 13 -20.96 17.11 17.63
C CYS C 13 -20.88 16.33 16.33
N PRO C 14 -20.97 16.98 15.17
CA PRO C 14 -20.77 16.25 13.91
C PRO C 14 -19.33 15.85 13.68
N TYR C 15 -18.38 16.61 14.23
CA TYR C 15 -16.97 16.21 14.12
C TYR C 15 -16.69 14.95 14.91
N SER C 16 -17.39 14.75 16.03
CA SER C 16 -17.21 13.53 16.81
C SER C 16 -17.86 12.34 16.11
N LEU C 17 -19.02 12.54 15.48
CA LEU C 17 -19.72 11.44 14.83
C LEU C 17 -18.92 10.90 13.66
N ARG C 18 -18.39 11.79 12.81
CA ARG C 18 -17.64 11.34 11.64
C ARG C 18 -16.34 10.66 12.04
N ALA C 19 -15.79 11.00 13.21
CA ALA C 19 -14.58 10.34 13.67
C ALA C 19 -14.86 8.91 14.14
N ARG C 20 -16.06 8.64 14.64
CA ARG C 20 -16.42 7.28 15.01
C ARG C 20 -16.81 6.45 13.80
N ILE C 21 -17.45 7.08 12.81
CA ILE C 21 -17.81 6.37 11.58
C ILE C 21 -16.56 5.94 10.83
N ALA C 22 -15.58 6.83 10.73
CA ALA C 22 -14.34 6.50 10.02
C ALA C 22 -13.56 5.41 10.76
N LEU C 23 -13.46 5.53 12.10
CA LEU C 23 -12.77 4.52 12.87
C LEU C 23 -13.50 3.18 12.87
N ALA C 24 -14.81 3.18 12.62
CA ALA C 24 -15.54 1.91 12.52
C ALA C 24 -15.23 1.20 11.22
N GLU C 25 -15.12 1.94 10.12
CA GLU C 25 -14.79 1.33 8.84
C GLU C 25 -13.39 0.75 8.85
N LYS C 26 -12.49 1.30 9.65
CA LYS C 26 -11.12 0.81 9.75
C LYS C 26 -11.00 -0.45 10.60
N LYS C 27 -12.03 -0.80 11.36
CA LYS C 27 -11.99 -1.88 12.33
C LYS C 27 -10.85 -1.71 13.34
N MET C 28 -10.52 -0.46 13.65
CA MET C 28 -9.52 -0.15 14.65
C MET C 28 -10.12 -0.31 16.05
N SER C 29 -9.39 -0.97 16.94
CA SER C 29 -9.85 -1.19 18.30
C SER C 29 -9.89 0.15 19.03
N THR C 30 -11.07 0.72 19.16
CA THR C 30 -11.25 2.01 19.81
C THR C 30 -12.33 1.91 20.88
N ASP C 31 -12.08 2.55 22.02
CA ASP C 31 -13.08 2.69 23.07
C ASP C 31 -13.43 4.16 23.21
N ILE C 32 -14.71 4.48 23.09
CA ILE C 32 -15.17 5.86 23.01
C ILE C 32 -15.50 6.36 24.41
N VAL C 33 -14.90 7.49 24.78
CA VAL C 33 -15.12 8.12 26.07
C VAL C 33 -15.87 9.43 25.83
N GLU C 34 -17.08 9.54 26.37
CA GLU C 34 -17.88 10.74 26.21
C GLU C 34 -17.41 11.79 27.21
N ALA C 35 -16.89 12.91 26.70
CA ALA C 35 -16.54 14.01 27.57
C ALA C 35 -17.80 14.62 28.18
N GLY C 36 -17.61 15.48 29.17
CA GLY C 36 -18.74 16.02 29.90
C GLY C 36 -19.00 15.15 31.10
N ASP C 37 -18.78 13.86 30.92
CA ASP C 37 -18.74 12.90 32.01
C ASP C 37 -17.38 12.87 32.71
N LEU C 38 -16.57 13.91 32.52
CA LEU C 38 -15.27 14.02 33.14
C LEU C 38 -15.19 15.33 33.94
N GLU C 39 -14.28 15.35 34.90
CA GLU C 39 -14.09 16.55 35.71
C GLU C 39 -13.41 17.63 34.87
N PRO C 40 -13.76 18.90 35.12
CA PRO C 40 -13.08 20.01 34.41
C PRO C 40 -11.57 19.93 34.44
N ALA C 41 -10.98 19.36 35.51
CA ALA C 41 -9.53 19.23 35.57
C ALA C 41 -9.02 18.29 34.50
N MET C 42 -9.74 17.20 34.23
CA MET C 42 -9.33 16.26 33.20
C MET C 42 -9.62 16.77 31.80
N ILE C 43 -10.77 17.43 31.61
CA ILE C 43 -11.14 17.96 30.30
C ILE C 43 -10.11 18.99 29.84
N LYS C 44 -9.67 19.87 30.76
CA LYS C 44 -8.67 20.87 30.41
C LYS C 44 -7.31 20.26 30.13
N LYS C 45 -7.06 19.03 30.55
CA LYS C 45 -5.79 18.36 30.27
C LYS C 45 -5.81 17.61 28.95
N ILE C 46 -6.94 17.00 28.60
CA ILE C 46 -7.07 16.31 27.32
C ILE C 46 -6.92 17.31 26.17
N THR C 47 -7.67 18.40 26.21
CA THR C 47 -7.50 19.43 25.20
C THR C 47 -7.50 20.80 25.90
N PRO C 48 -6.36 21.49 25.94
CA PRO C 48 -6.32 22.80 26.60
C PRO C 48 -7.22 23.85 25.95
N ASN C 49 -7.34 23.83 24.63
CA ASN C 49 -8.18 24.78 23.92
C ASN C 49 -9.67 24.41 23.94
N GLY C 50 -10.02 23.20 24.36
CA GLY C 50 -11.41 22.83 24.48
C GLY C 50 -12.07 22.37 23.20
N VAL C 51 -11.29 21.84 22.25
CA VAL C 51 -11.82 21.40 20.97
C VAL C 51 -11.98 19.89 21.00
N PHE C 52 -13.18 19.42 20.65
CA PHE C 52 -13.46 17.99 20.56
C PHE C 52 -13.91 17.66 19.14
N PRO C 53 -13.69 16.43 18.67
CA PRO C 53 -13.12 15.28 19.40
C PRO C 53 -11.60 15.29 19.52
N VAL C 54 -11.08 14.40 20.36
CA VAL C 54 -9.65 14.23 20.56
C VAL C 54 -9.33 12.75 20.37
N LEU C 55 -8.50 12.44 19.39
CA LEU C 55 -7.99 11.08 19.21
C LEU C 55 -6.65 10.96 19.91
N MET C 56 -6.50 9.91 20.70
CA MET C 56 -5.29 9.73 21.51
C MET C 56 -4.73 8.33 21.28
N GLU C 57 -3.42 8.26 21.07
CA GLU C 57 -2.75 6.99 20.88
C GLU C 57 -1.60 6.85 21.87
N LYS C 58 -0.78 5.81 21.69
CA LYS C 58 0.35 5.58 22.59
C LYS C 58 1.34 6.74 22.54
N ASP C 59 1.66 7.23 21.34
CA ASP C 59 2.68 8.24 21.16
C ASP C 59 2.18 9.51 20.47
N TYR C 60 0.87 9.66 20.30
CA TYR C 60 0.37 10.80 19.56
C TYR C 60 -1.01 11.20 20.07
N SER C 61 -1.39 12.44 19.74
CA SER C 61 -2.68 13.01 20.11
C SER C 61 -3.03 14.08 19.09
N ILE C 62 -4.25 14.05 18.60
CA ILE C 62 -4.69 14.99 17.57
C ILE C 62 -6.14 15.36 17.81
N ASN C 63 -6.43 16.67 17.78
CA ASN C 63 -7.79 17.18 17.88
C ASN C 63 -8.09 18.21 16.80
N ASN C 64 -7.14 18.51 15.93
CA ASN C 64 -7.40 19.41 14.81
C ASN C 64 -8.53 18.86 13.95
N ARG C 65 -9.51 19.72 13.66
CA ARG C 65 -10.74 19.24 13.04
C ARG C 65 -10.59 18.97 11.55
N LYS C 66 -9.81 19.79 10.86
CA LYS C 66 -9.67 19.65 9.41
C LYS C 66 -8.72 18.53 9.02
N ALA C 67 -7.88 18.04 9.94
CA ALA C 67 -6.88 17.04 9.63
C ALA C 67 -7.07 15.72 10.35
N LEU C 68 -8.10 15.58 11.18
CA LEU C 68 -8.26 14.37 11.97
C LEU C 68 -8.60 13.16 11.10
N LEU C 69 -9.63 13.29 10.26
CA LEU C 69 -10.06 12.14 9.46
C LEU C 69 -9.03 11.74 8.42
N ILE C 70 -8.25 12.71 7.92
CA ILE C 70 -7.16 12.36 7.01
C ILE C 70 -6.06 11.62 7.75
N TYR C 71 -5.82 11.98 9.01
CA TYR C 71 -4.88 11.22 9.82
C TYR C 71 -5.36 9.79 10.01
N ILE C 72 -6.65 9.61 10.29
CA ILE C 72 -7.20 8.27 10.48
C ILE C 72 -7.02 7.44 9.21
N ASP C 73 -7.27 8.04 8.05
CA ASP C 73 -7.17 7.30 6.80
C ASP C 73 -5.73 6.90 6.49
N GLU C 74 -4.77 7.72 6.87
CA GLU C 74 -3.36 7.41 6.62
C GLU C 74 -2.72 6.62 7.73
N ARG C 75 -3.22 6.76 8.97
CA ARG C 75 -2.67 5.98 10.08
C ARG C 75 -3.10 4.52 10.00
N PHE C 76 -4.32 4.26 9.56
CA PHE C 76 -4.83 2.91 9.34
C PHE C 76 -5.22 2.82 7.86
N PRO C 77 -4.33 2.33 7.01
CA PRO C 77 -4.56 2.48 5.56
C PRO C 77 -5.74 1.68 5.04
N ALA C 78 -5.93 0.44 5.51
CA ALA C 78 -6.97 -0.42 4.96
C ALA C 78 -8.18 -0.54 5.91
N PRO C 79 -9.39 -0.35 5.36
CA PRO C 79 -9.65 -0.04 3.96
C PRO C 79 -9.49 1.45 3.64
N SER C 80 -9.28 1.76 2.36
CA SER C 80 -9.06 3.14 1.93
C SER C 80 -10.39 3.89 1.92
N LEU C 81 -10.40 5.08 2.53
CA LEU C 81 -11.56 5.94 2.56
C LEU C 81 -11.45 7.10 1.57
N LEU C 82 -10.56 6.98 0.60
CA LEU C 82 -10.44 7.91 -0.51
C LEU C 82 -10.35 7.12 -1.81
N PRO C 83 -10.83 7.68 -2.92
CA PRO C 83 -10.79 6.94 -4.19
C PRO C 83 -9.36 6.62 -4.61
N ASN C 84 -9.21 5.52 -5.35
CA ASN C 84 -7.90 5.13 -5.85
C ASN C 84 -7.54 5.88 -7.13
N VAL C 85 -8.53 6.21 -7.96
CA VAL C 85 -8.28 7.04 -9.12
C VAL C 85 -7.98 8.46 -8.66
N VAL C 86 -6.86 9.02 -9.14
CA VAL C 86 -6.38 10.29 -8.60
C VAL C 86 -7.33 11.43 -8.91
N ASN C 87 -8.10 11.33 -10.00
CA ASN C 87 -8.95 12.45 -10.39
C ASN C 87 -10.16 12.59 -9.48
N GLU C 88 -10.80 11.47 -9.12
CA GLU C 88 -11.93 11.56 -8.20
C GLU C 88 -11.47 11.82 -6.78
N ARG C 89 -10.24 11.42 -6.44
CA ARG C 89 -9.67 11.78 -5.14
C ARG C 89 -9.41 13.27 -5.06
N ILE C 90 -8.95 13.88 -6.15
CA ILE C 90 -8.80 15.34 -6.19
C ILE C 90 -10.16 16.02 -6.06
N LYS C 91 -11.21 15.41 -6.62
CA LYS C 91 -12.54 15.98 -6.47
C LYS C 91 -13.04 15.87 -5.03
N ILE C 92 -12.84 14.72 -4.38
CA ILE C 92 -13.34 14.51 -3.03
C ILE C 92 -12.70 15.51 -2.06
N ARG C 93 -11.40 15.78 -2.23
CA ARG C 93 -10.72 16.71 -1.34
C ARG C 93 -11.33 18.10 -1.42
N LEU C 94 -11.68 18.56 -2.63
CA LEU C 94 -12.38 19.83 -2.75
C LEU C 94 -13.80 19.75 -2.20
N SER C 95 -14.42 18.57 -2.30
CA SER C 95 -15.75 18.39 -1.72
C SER C 95 -15.69 18.48 -0.20
N LEU C 96 -14.70 17.83 0.41
CA LEU C 96 -14.57 17.86 1.87
C LEU C 96 -14.39 19.29 2.38
N ASP C 97 -13.56 20.08 1.70
CA ASP C 97 -13.34 21.46 2.12
C ASP C 97 -14.59 22.31 1.93
N LYS C 98 -15.38 22.03 0.89
CA LYS C 98 -16.62 22.77 0.68
C LYS C 98 -17.71 22.35 1.67
N ILE C 99 -17.69 21.09 2.10
CA ILE C 99 -18.64 20.64 3.12
C ILE C 99 -18.32 21.28 4.46
N ASP C 100 -17.03 21.39 4.78
CA ASP C 100 -16.63 21.94 6.08
C ASP C 100 -16.87 23.45 6.14
N ASN C 101 -16.48 24.18 5.09
CA ASN C 101 -16.47 25.63 5.14
C ASN C 101 -17.79 26.27 4.71
N GLU C 102 -18.68 25.53 4.05
CA GLU C 102 -19.92 26.11 3.55
C GLU C 102 -21.17 25.44 4.10
N TRP C 103 -21.20 24.11 4.19
CA TRP C 103 -22.40 23.42 4.67
C TRP C 103 -22.42 23.29 6.19
N TYR C 104 -21.29 22.92 6.79
CA TYR C 104 -21.23 22.80 8.25
C TYR C 104 -21.60 24.08 9.00
N PRO C 105 -21.23 25.29 8.55
CA PRO C 105 -21.62 26.49 9.32
C PRO C 105 -23.12 26.67 9.49
N VAL C 106 -23.93 26.27 8.50
CA VAL C 106 -25.37 26.44 8.63
C VAL C 106 -25.93 25.66 9.81
N LEU C 107 -25.30 24.55 10.21
CA LEU C 107 -25.74 23.83 11.39
C LEU C 107 -25.53 24.65 12.66
N ASP C 108 -24.39 25.33 12.77
CA ASP C 108 -24.16 26.18 13.94
C ASP C 108 -25.10 27.38 13.95
N GLN C 109 -25.48 27.88 12.78
CA GLN C 109 -26.43 28.98 12.71
C GLN C 109 -27.86 28.55 13.00
N ILE C 110 -28.17 27.27 12.78
CA ILE C 110 -29.49 26.74 13.15
C ILE C 110 -29.59 26.58 14.66
N ARG C 111 -28.48 26.17 15.31
CA ARG C 111 -28.49 26.09 16.77
C ARG C 111 -28.56 27.49 17.39
N LYS C 112 -27.94 28.47 16.75
CA LYS C 112 -27.92 29.83 17.28
C LYS C 112 -29.33 30.43 17.26
N HIS C 113 -30.01 30.33 16.11
CA HIS C 113 -31.35 30.87 15.95
C HIS C 113 -32.44 29.84 16.21
N ARG C 114 -32.13 28.77 16.97
CA ARG C 114 -33.10 27.70 17.17
C ARG C 114 -34.36 28.16 17.87
N SER C 115 -34.34 29.35 18.48
CA SER C 115 -35.51 29.89 19.15
C SER C 115 -36.38 30.75 18.23
N ASP C 116 -35.76 31.57 17.39
CA ASP C 116 -36.50 32.41 16.45
C ASP C 116 -37.01 31.53 15.32
N GLN C 117 -38.30 31.19 15.38
CA GLN C 117 -38.86 30.24 14.40
C GLN C 117 -39.04 30.89 13.03
N LYS C 118 -39.30 32.21 13.00
CA LYS C 118 -39.36 32.91 11.71
C LYS C 118 -37.99 32.96 11.04
N MET C 119 -36.92 33.02 11.84
CA MET C 119 -35.58 32.91 11.27
C MET C 119 -35.21 31.46 10.99
N LEU C 120 -35.85 30.51 11.68
CA LEU C 120 -35.54 29.10 11.49
C LEU C 120 -36.16 28.56 10.21
N GLU C 121 -37.44 28.89 9.95
CA GLU C 121 -38.08 28.44 8.72
C GLU C 121 -37.40 29.00 7.48
N SER C 122 -36.80 30.19 7.61
CA SER C 122 -36.06 30.78 6.50
C SER C 122 -34.82 29.95 6.18
N MET C 123 -33.99 29.68 7.19
CA MET C 123 -32.78 28.89 6.98
C MET C 123 -33.08 27.46 6.57
N PHE C 124 -34.25 26.94 6.90
CA PHE C 124 -34.63 25.60 6.44
C PHE C 124 -34.88 25.60 4.93
N LYS C 125 -35.72 26.51 4.45
CA LYS C 125 -36.05 26.53 3.03
C LYS C 125 -34.87 27.00 2.19
N ASP C 126 -33.96 27.79 2.76
CA ASP C 126 -32.74 28.15 2.05
C ASP C 126 -31.82 26.93 1.87
N LEU C 127 -31.85 25.99 2.81
CA LEU C 127 -31.08 24.76 2.74
C LEU C 127 -31.78 23.68 1.93
N LYS C 128 -33.11 23.60 2.02
CA LYS C 128 -33.84 22.67 1.17
C LYS C 128 -33.73 23.05 -0.29
N GLU C 129 -33.61 24.35 -0.58
CA GLU C 129 -33.36 24.78 -1.95
C GLU C 129 -31.94 24.43 -2.38
N SER C 130 -30.97 24.55 -1.47
CA SER C 130 -29.60 24.17 -1.78
C SER C 130 -29.49 22.67 -2.04
N LEU C 131 -30.18 21.86 -1.24
CA LEU C 131 -30.19 20.42 -1.46
C LEU C 131 -30.96 20.03 -2.71
N LEU C 132 -31.91 20.85 -3.14
CA LEU C 132 -32.69 20.54 -4.34
C LEU C 132 -31.91 20.85 -5.60
N ALA C 133 -31.13 21.93 -5.60
CA ALA C 133 -30.31 22.27 -6.76
C ALA C 133 -29.23 21.22 -7.00
N MET C 134 -28.77 20.57 -5.94
CA MET C 134 -27.77 19.51 -6.05
C MET C 134 -28.35 18.18 -6.50
N GLU C 135 -29.66 17.97 -6.30
CA GLU C 135 -30.32 16.68 -6.41
C GLU C 135 -29.87 15.82 -7.59
N LYS C 136 -29.61 16.45 -8.73
CA LYS C 136 -29.31 15.69 -9.95
C LYS C 136 -27.99 14.94 -9.83
N ALA C 137 -26.99 15.55 -9.19
CA ALA C 137 -25.65 14.98 -9.15
C ALA C 137 -25.54 13.72 -8.30
N PHE C 138 -26.62 13.29 -7.64
CA PHE C 138 -26.58 12.12 -6.78
C PHE C 138 -27.06 10.84 -7.46
N THR C 139 -27.55 10.91 -8.69
CA THR C 139 -28.05 9.73 -9.36
C THR C 139 -26.91 8.95 -10.02
N GLY C 140 -27.00 7.62 -9.98
CA GLY C 140 -26.02 6.78 -10.61
C GLY C 140 -24.79 6.47 -9.79
N SER C 141 -24.85 6.60 -8.46
CA SER C 141 -23.73 6.31 -7.59
C SER C 141 -24.25 5.74 -6.29
N GLU C 142 -23.68 4.61 -5.84
CA GLU C 142 -24.13 4.01 -4.59
C GLU C 142 -23.85 4.92 -3.41
N PHE C 143 -22.74 5.65 -3.45
CA PHE C 143 -22.38 6.61 -2.41
C PHE C 143 -22.09 7.96 -3.07
N PHE C 144 -21.70 8.93 -2.24
CA PHE C 144 -21.48 10.29 -2.71
C PHE C 144 -20.34 10.37 -3.71
N ILE C 145 -20.70 10.54 -4.99
CA ILE C 145 -19.76 10.72 -6.11
C ILE C 145 -18.62 9.70 -6.01
N SER C 146 -18.97 8.42 -5.87
CA SER C 146 -17.97 7.37 -5.76
C SER C 146 -18.65 6.02 -5.90
N SER C 147 -17.88 5.03 -6.33
CA SER C 147 -18.35 3.65 -6.32
C SER C 147 -18.25 3.04 -4.92
N GLY C 148 -17.31 3.54 -4.10
CA GLY C 148 -17.11 3.03 -2.76
C GLY C 148 -17.32 4.09 -1.69
N PHE C 149 -17.19 3.64 -0.45
CA PHE C 149 -17.41 4.51 0.71
C PHE C 149 -16.17 5.36 0.95
N THR C 150 -16.36 6.68 1.02
CA THR C 150 -15.27 7.63 1.16
C THR C 150 -15.43 8.45 2.44
N LEU C 151 -14.49 9.37 2.65
CA LEU C 151 -14.58 10.27 3.79
C LEU C 151 -15.72 11.27 3.63
N ALA C 152 -16.10 11.60 2.40
CA ALA C 152 -17.21 12.51 2.18
C ALA C 152 -18.52 11.92 2.70
N ASP C 153 -18.67 10.60 2.62
CA ASP C 153 -19.86 9.97 3.20
C ASP C 153 -19.85 10.06 4.72
N CYS C 154 -18.67 10.02 5.34
CA CYS C 154 -18.59 10.24 6.79
C CYS C 154 -18.91 11.69 7.14
N TYR C 155 -18.33 12.64 6.39
CA TYR C 155 -18.64 14.05 6.57
C TYR C 155 -20.15 14.30 6.46
N ILE C 156 -20.80 13.64 5.50
CA ILE C 156 -22.20 13.93 5.18
C ILE C 156 -23.16 13.18 6.09
N ALA C 157 -22.83 11.94 6.46
CA ALA C 157 -23.67 11.19 7.39
C ALA C 157 -23.76 11.92 8.72
N ALA C 158 -22.61 12.41 9.24
CA ALA C 158 -22.61 13.07 10.54
C ALA C 158 -23.38 14.39 10.49
N LEU C 159 -23.23 15.15 9.39
CA LEU C 159 -23.93 16.43 9.28
C LEU C 159 -25.43 16.24 9.21
N ILE C 160 -25.88 15.16 8.55
CA ILE C 160 -27.31 14.91 8.44
C ILE C 160 -27.89 14.52 9.80
N ILE C 161 -27.19 13.67 10.55
CA ILE C 161 -27.68 13.24 11.85
C ILE C 161 -27.83 14.42 12.80
N CYS C 162 -26.89 15.37 12.76
CA CYS C 162 -26.98 16.54 13.61
C CYS C 162 -28.05 17.51 13.14
N LEU C 163 -28.21 17.66 11.83
CA LEU C 163 -29.34 18.43 11.31
C LEU C 163 -30.66 17.74 11.61
N GLU C 164 -30.68 16.40 11.54
CA GLU C 164 -31.87 15.65 11.89
C GLU C 164 -32.21 15.80 13.37
N ALA C 165 -31.21 16.05 14.22
CA ALA C 165 -31.45 16.18 15.65
C ALA C 165 -32.35 17.37 15.95
N GLU C 166 -32.12 18.50 15.28
CA GLU C 166 -32.91 19.71 15.50
C GLU C 166 -33.49 20.18 14.17
N GLY C 167 -34.80 20.03 14.01
CA GLY C 167 -35.51 20.58 12.87
C GLY C 167 -35.37 19.83 11.56
N PHE C 168 -34.38 20.21 10.76
CA PHE C 168 -34.21 19.73 9.39
C PHE C 168 -34.16 18.21 9.32
N ILE C 169 -35.20 17.60 8.77
CA ILE C 169 -35.15 16.20 8.34
C ILE C 169 -35.40 16.22 6.84
N ILE C 170 -34.35 15.92 6.06
CA ILE C 170 -34.47 15.87 4.61
C ILE C 170 -35.64 14.96 4.29
N ASP C 171 -36.70 15.50 3.67
CA ASP C 171 -37.84 14.67 3.32
C ASP C 171 -37.37 13.63 2.31
N ASP C 172 -37.19 12.40 2.80
CA ASP C 172 -36.69 11.31 1.98
C ASP C 172 -37.43 11.19 0.65
N GLU C 173 -38.72 11.54 0.64
CA GLU C 173 -39.46 11.48 -0.62
C GLU C 173 -39.23 12.75 -1.44
N TYR C 174 -39.17 13.90 -0.77
CA TYR C 174 -39.03 15.20 -1.45
C TYR C 174 -37.71 15.30 -2.19
N GLY C 175 -36.60 15.07 -1.49
CA GLY C 175 -35.31 15.13 -2.15
C GLY C 175 -35.02 13.87 -2.97
N ALA C 176 -35.86 13.63 -3.98
CA ALA C 176 -35.65 12.50 -4.86
C ALA C 176 -34.22 12.49 -5.38
N ILE C 177 -33.64 11.28 -5.40
CA ILE C 177 -32.24 10.94 -5.66
C ILE C 177 -31.41 11.10 -4.38
N TYR C 178 -31.99 11.65 -3.31
CA TYR C 178 -31.38 11.54 -1.98
C TYR C 178 -31.97 10.35 -1.21
N GLU C 179 -32.30 9.28 -1.92
CA GLU C 179 -32.35 7.97 -1.29
C GLU C 179 -30.98 7.59 -0.76
N TYR C 180 -29.93 8.28 -1.25
CA TYR C 180 -28.57 8.16 -0.71
C TYR C 180 -28.56 8.16 0.81
N LYS C 181 -29.38 9.02 1.43
CA LYS C 181 -29.50 9.00 2.90
C LYS C 181 -29.93 7.64 3.42
N LYS C 182 -30.79 6.95 2.68
CA LYS C 182 -31.20 5.60 3.08
C LYS C 182 -30.02 4.65 2.98
N ARG C 183 -29.32 4.64 1.84
CA ARG C 183 -28.14 3.81 1.71
C ARG C 183 -27.02 4.28 2.65
N LEU C 184 -26.88 5.59 2.82
CA LEU C 184 -25.85 6.11 3.72
C LEU C 184 -26.12 5.72 5.16
N PHE C 185 -27.38 5.83 5.60
CA PHE C 185 -27.74 5.39 6.94
C PHE C 185 -27.91 3.88 7.04
N ALA C 186 -27.93 3.17 5.91
CA ALA C 186 -27.94 1.71 5.94
C ALA C 186 -26.57 1.12 6.22
N ARG C 187 -25.51 1.89 6.00
CA ARG C 187 -24.16 1.42 6.28
C ARG C 187 -24.03 1.01 7.74
N ASP C 188 -23.36 -0.12 7.97
CA ASP C 188 -23.22 -0.63 9.34
C ASP C 188 -22.44 0.34 10.22
N SER C 189 -21.36 0.93 9.69
CA SER C 189 -20.55 1.82 10.50
C SER C 189 -21.33 3.06 10.92
N VAL C 190 -22.26 3.52 10.10
CA VAL C 190 -23.06 4.68 10.46
C VAL C 190 -24.13 4.31 11.49
N LYS C 191 -24.76 3.14 11.33
CA LYS C 191 -25.75 2.71 12.31
C LYS C 191 -25.09 2.42 13.66
N LYS C 192 -23.87 1.90 13.64
CA LYS C 192 -23.15 1.62 14.88
C LYS C 192 -22.89 2.90 15.67
N ALA C 193 -22.70 4.01 14.98
CA ALA C 193 -22.47 5.30 15.64
C ALA C 193 -23.76 6.04 15.97
N ASN C 194 -24.91 5.56 15.50
CA ASN C 194 -26.17 6.25 15.73
C ASN C 194 -26.74 5.99 17.12
N ILE C 195 -26.17 5.05 17.87
CA ILE C 195 -26.63 4.78 19.22
C ILE C 195 -25.63 5.32 20.24
N ALA D 3 -3.30 20.70 -21.72
CA ALA D 3 -3.41 19.68 -20.69
C ALA D 3 -3.77 20.29 -19.33
N MET D 4 -2.74 20.69 -18.59
CA MET D 4 -2.92 21.26 -17.26
C MET D 4 -2.71 22.78 -17.32
N LEU D 5 -3.54 23.51 -16.58
CA LEU D 5 -3.55 24.96 -16.64
C LEU D 5 -3.66 25.53 -15.23
N LEU D 6 -2.77 26.45 -14.88
CA LEU D 6 -2.78 27.12 -13.59
C LEU D 6 -3.10 28.59 -13.78
N TYR D 7 -4.17 29.05 -13.13
CA TYR D 7 -4.55 30.46 -13.18
C TYR D 7 -3.79 31.21 -12.09
N THR D 8 -3.21 32.36 -12.46
CA THR D 8 -2.22 33.04 -11.65
C THR D 8 -2.50 34.53 -11.62
N LYS D 9 -2.14 35.16 -10.50
CA LYS D 9 -2.08 36.60 -10.38
C LYS D 9 -0.63 37.02 -10.15
N LYS D 10 -0.31 38.28 -10.48
CA LYS D 10 1.07 38.74 -10.53
C LYS D 10 1.79 38.58 -9.19
N ASP D 11 1.40 39.35 -8.19
CA ASP D 11 2.04 39.32 -6.88
C ASP D 11 1.19 38.59 -5.84
N ASP D 12 0.46 37.56 -6.27
CA ASP D 12 -0.29 36.73 -5.34
C ASP D 12 0.64 35.70 -4.71
N ILE D 13 0.63 35.61 -3.38
CA ILE D 13 1.55 34.72 -2.70
C ILE D 13 1.14 33.26 -2.88
N TYR D 14 -0.17 32.99 -2.96
CA TYR D 14 -0.62 31.62 -3.22
C TYR D 14 -0.17 31.15 -4.59
N SER D 15 -0.31 32.01 -5.61
CA SER D 15 0.11 31.64 -6.95
C SER D 15 1.60 31.35 -7.01
N ASP D 16 2.41 32.15 -6.30
CA ASP D 16 3.86 31.94 -6.33
C ASP D 16 4.25 30.67 -5.59
N ILE D 17 3.54 30.36 -4.50
CA ILE D 17 3.80 29.11 -3.77
C ILE D 17 3.55 27.92 -4.69
N VAL D 18 2.40 27.89 -5.35
CA VAL D 18 2.05 26.77 -6.22
C VAL D 18 2.98 26.70 -7.42
N ARG D 19 3.40 27.86 -7.95
CA ARG D 19 4.28 27.85 -9.11
C ARG D 19 5.64 27.26 -8.77
N MET D 20 6.11 27.40 -7.53
CA MET D 20 7.35 26.77 -7.14
C MET D 20 7.17 25.27 -6.92
N ILE D 21 6.01 24.85 -6.42
CA ILE D 21 5.74 23.42 -6.25
C ILE D 21 5.73 22.72 -7.59
N LEU D 22 4.96 23.24 -8.54
CA LEU D 22 4.92 22.67 -9.88
C LEU D 22 6.31 22.65 -10.51
N LEU D 23 7.11 23.68 -10.24
CA LEU D 23 8.46 23.73 -10.80
C LEU D 23 9.34 22.64 -10.20
N ILE D 24 9.17 22.36 -8.91
CA ILE D 24 9.96 21.31 -8.26
C ILE D 24 9.51 19.93 -8.73
N LYS D 25 8.22 19.76 -9.00
CA LYS D 25 7.72 18.48 -9.49
C LYS D 25 8.12 18.21 -10.94
N GLY D 26 8.56 19.22 -11.67
CA GLY D 26 8.78 19.06 -13.09
C GLY D 26 7.51 19.02 -13.91
N ALA D 27 6.40 19.51 -13.36
CA ALA D 27 5.13 19.48 -14.08
C ALA D 27 5.18 20.38 -15.31
N ASN D 28 4.40 20.02 -16.31
CA ASN D 28 4.29 20.81 -17.54
C ASN D 28 2.86 21.33 -17.62
N ALA D 29 2.63 22.50 -17.02
CA ALA D 29 1.36 23.19 -17.08
C ALA D 29 1.61 24.62 -17.55
N LYS D 30 0.63 25.17 -18.27
CA LYS D 30 0.74 26.53 -18.76
C LYS D 30 0.26 27.50 -17.68
N ILE D 31 1.10 28.48 -17.38
CA ILE D 31 0.78 29.47 -16.35
C ILE D 31 0.14 30.68 -17.03
N VAL D 32 -1.03 31.07 -16.55
CA VAL D 32 -1.80 32.17 -17.13
C VAL D 32 -1.89 33.26 -16.06
N ASP D 33 -1.11 34.32 -16.22
CA ASP D 33 -1.24 35.50 -15.37
C ASP D 33 -2.55 36.20 -15.74
N VAL D 34 -3.57 36.03 -14.91
CA VAL D 34 -4.88 36.58 -15.19
C VAL D 34 -4.89 38.11 -15.11
N SER D 35 -3.91 38.71 -14.42
CA SER D 35 -3.85 40.16 -14.32
C SER D 35 -3.46 40.83 -15.63
N LYS D 36 -2.76 40.12 -16.51
CA LYS D 36 -2.40 40.69 -17.80
C LYS D 36 -3.63 40.88 -18.68
N GLU D 37 -3.66 42.00 -19.42
CA GLU D 37 -4.82 42.32 -20.24
C GLU D 37 -5.01 41.30 -21.37
N GLU D 38 -3.92 40.74 -21.88
CA GLU D 38 -4.00 39.79 -22.99
C GLU D 38 -4.57 38.44 -22.58
N ASN D 39 -4.94 38.26 -21.30
CA ASN D 39 -5.56 37.03 -20.83
C ASN D 39 -7.02 37.24 -20.43
N SER D 40 -7.71 38.15 -21.12
CA SER D 40 -9.12 38.40 -20.79
C SER D 40 -10.00 37.22 -21.14
N LYS D 41 -9.68 36.51 -22.22
CA LYS D 41 -10.40 35.29 -22.55
C LYS D 41 -10.19 34.21 -21.49
N HIS D 42 -9.00 34.14 -20.91
CA HIS D 42 -8.76 33.23 -19.80
C HIS D 42 -9.49 33.68 -18.55
N LEU D 43 -9.47 35.00 -18.27
CA LEU D 43 -10.19 35.51 -17.11
C LEU D 43 -11.69 35.26 -17.23
N GLU D 44 -12.23 35.37 -18.45
CA GLU D 44 -13.63 35.01 -18.66
C GLU D 44 -13.84 33.53 -18.44
N GLU D 45 -12.92 32.68 -18.92
CA GLU D 45 -13.06 31.25 -18.75
C GLU D 45 -12.94 30.84 -17.28
N LEU D 46 -12.08 31.52 -16.52
CA LEU D 46 -11.90 31.18 -15.11
C LEU D 46 -13.17 31.40 -14.32
N ASN D 47 -13.87 32.51 -14.59
CA ASN D 47 -15.14 32.77 -13.93
C ASN D 47 -16.22 31.77 -14.32
N ILE D 48 -15.98 30.95 -15.34
CA ILE D 48 -16.96 29.93 -15.72
C ILE D 48 -16.75 28.67 -14.89
N ILE D 49 -15.50 28.28 -14.65
CA ILE D 49 -15.18 27.02 -14.00
C ILE D 49 -14.97 27.16 -12.50
N THR D 50 -15.13 28.36 -11.94
CA THR D 50 -14.97 28.60 -10.51
C THR D 50 -16.08 29.52 -10.03
N PRO D 51 -16.52 29.36 -8.78
CA PRO D 51 -17.59 30.25 -8.28
C PRO D 51 -17.20 31.71 -8.27
N ASN D 52 -15.96 32.03 -7.90
CA ASN D 52 -15.40 33.37 -7.99
C ASN D 52 -14.15 33.32 -8.86
N GLY D 53 -13.50 34.46 -9.01
CA GLY D 53 -12.23 34.50 -9.70
C GLY D 53 -11.11 33.98 -8.82
N ASN D 54 -11.23 32.71 -8.42
CA ASN D 54 -10.34 32.15 -7.41
C ASN D 54 -8.91 32.06 -7.94
N ILE D 55 -7.98 32.67 -7.21
CA ILE D 55 -6.57 32.65 -7.57
C ILE D 55 -5.77 32.05 -6.41
N PRO D 56 -5.00 31.00 -6.68
CA PRO D 56 -4.85 30.35 -7.99
C PRO D 56 -5.87 29.24 -8.21
N THR D 57 -5.89 28.69 -9.42
CA THR D 57 -6.80 27.60 -9.76
C THR D 57 -6.07 26.62 -10.67
N LEU D 58 -5.97 25.37 -10.22
CA LEU D 58 -5.40 24.29 -11.03
C LEU D 58 -6.55 23.56 -11.70
N SER D 59 -6.60 23.64 -13.04
CA SER D 59 -7.69 23.05 -13.80
C SER D 59 -7.13 22.20 -14.93
N THR D 60 -7.60 20.97 -15.02
CA THR D 60 -7.35 20.10 -16.17
C THR D 60 -8.69 19.81 -16.84
N ASP D 61 -8.67 18.91 -17.83
CA ASP D 61 -9.90 18.56 -18.53
C ASP D 61 -10.94 17.93 -17.62
N ASP D 62 -10.52 17.40 -16.46
CA ASP D 62 -11.43 16.68 -15.57
C ASP D 62 -11.90 17.50 -14.38
N PHE D 63 -11.09 18.43 -13.89
CA PHE D 63 -11.44 19.16 -12.68
C PHE D 63 -10.92 20.60 -12.75
N ALA D 64 -11.36 21.40 -11.77
CA ALA D 64 -10.86 22.76 -11.58
C ALA D 64 -10.89 23.02 -10.08
N VAL D 65 -9.71 23.10 -9.47
CA VAL D 65 -9.58 23.05 -8.02
C VAL D 65 -8.89 24.33 -7.54
N TYR D 66 -9.34 24.82 -6.38
CA TYR D 66 -8.77 26.01 -5.79
C TYR D 66 -8.48 25.70 -4.32
N ARG D 67 -8.33 26.77 -3.52
CA ARG D 67 -7.77 26.72 -2.17
C ARG D 67 -6.28 26.36 -2.25
N LEU D 68 -5.52 26.63 -1.19
CA LEU D 68 -4.12 26.25 -1.21
C LEU D 68 -3.89 24.82 -0.74
N SER D 69 -4.59 24.39 0.30
CA SER D 69 -4.41 23.04 0.80
C SER D 69 -4.83 22.01 -0.25
N VAL D 70 -5.96 22.24 -0.91
CA VAL D 70 -6.46 21.27 -1.88
C VAL D 70 -5.57 21.25 -3.12
N ILE D 71 -5.03 22.40 -3.52
CA ILE D 71 -4.14 22.41 -4.68
C ILE D 71 -2.85 21.68 -4.38
N ILE D 72 -2.30 21.87 -3.18
CA ILE D 72 -1.04 21.21 -2.83
C ILE D 72 -1.23 19.70 -2.78
N GLU D 73 -2.30 19.23 -2.14
CA GLU D 73 -2.55 17.79 -2.07
C GLU D 73 -2.83 17.22 -3.44
N ALA D 74 -3.54 17.96 -4.29
CA ALA D 74 -3.86 17.46 -5.63
C ALA D 74 -2.62 17.36 -6.49
N ILE D 75 -1.70 18.33 -6.38
CA ILE D 75 -0.44 18.23 -7.10
C ILE D 75 0.38 17.04 -6.64
N GLU D 76 0.25 16.69 -5.35
CA GLU D 76 0.99 15.55 -4.81
C GLU D 76 0.50 14.25 -5.42
N ASP D 77 -0.82 14.10 -5.61
CA ASP D 77 -1.35 12.90 -6.25
C ASP D 77 -0.86 12.77 -7.68
N LEU D 78 -0.85 13.88 -8.42
CA LEU D 78 -0.47 13.85 -9.83
C LEU D 78 1.03 13.72 -10.02
N TYR D 79 1.84 14.23 -9.08
CA TYR D 79 3.29 14.20 -9.19
C TYR D 79 3.88 13.76 -7.85
N PRO D 80 4.10 12.45 -7.67
CA PRO D 80 4.65 11.97 -6.39
C PRO D 80 6.14 12.26 -6.20
N PHE D 81 6.84 12.75 -7.22
CA PHE D 81 8.29 12.96 -7.12
C PHE D 81 8.68 14.42 -7.28
N PRO D 82 9.34 15.00 -6.27
CA PRO D 82 9.60 14.39 -4.95
C PRO D 82 8.45 14.68 -4.00
N PRO D 83 8.40 13.99 -2.85
CA PRO D 83 7.33 14.23 -1.90
C PRO D 83 7.46 15.58 -1.21
N MET D 84 6.35 16.31 -1.14
CA MET D 84 6.26 17.56 -0.38
C MET D 84 5.96 17.32 1.10
N PHE D 85 5.49 16.13 1.46
CA PHE D 85 5.08 15.81 2.82
C PHE D 85 5.97 14.71 3.40
N PRO D 86 6.01 14.57 4.74
CA PRO D 86 6.82 13.50 5.33
C PRO D 86 6.20 12.12 5.14
N VAL D 87 6.85 11.08 5.65
CA VAL D 87 6.40 9.71 5.39
C VAL D 87 5.33 9.29 6.40
N PHE D 88 5.61 9.45 7.68
CA PHE D 88 4.80 8.84 8.73
C PHE D 88 3.56 9.67 9.04
N PRO D 89 2.47 9.01 9.46
CA PRO D 89 1.16 9.70 9.51
C PRO D 89 1.11 10.88 10.47
N LYS D 90 1.72 10.78 11.65
CA LYS D 90 1.64 11.90 12.58
C LYS D 90 2.52 13.06 12.13
N GLN D 91 3.61 12.78 11.42
CA GLN D 91 4.41 13.85 10.83
C GLN D 91 3.63 14.57 9.74
N ARG D 92 2.78 13.85 9.01
CA ARG D 92 1.97 14.48 7.97
C ARG D 92 0.86 15.31 8.59
N ALA D 93 0.22 14.82 9.65
CA ALA D 93 -0.81 15.59 10.32
C ALA D 93 -0.23 16.87 10.93
N ASN D 94 0.99 16.79 11.46
CA ASN D 94 1.64 17.99 12.00
C ASN D 94 1.88 19.03 10.90
N ALA D 95 2.34 18.57 9.73
CA ALA D 95 2.60 19.51 8.63
C ALA D 95 1.30 20.17 8.16
N ARG D 96 0.21 19.40 8.12
CA ARG D 96 -1.07 19.98 7.69
C ARG D 96 -1.61 20.95 8.72
N ILE D 97 -1.46 20.65 10.00
CA ILE D 97 -1.87 21.58 11.06
C ILE D 97 -1.04 22.85 10.98
N LEU D 98 0.27 22.72 10.80
CA LEU D 98 1.15 23.88 10.73
C LEU D 98 0.91 24.68 9.45
N LEU D 99 0.55 24.01 8.36
CA LEU D 99 0.24 24.72 7.12
C LEU D 99 -1.06 25.51 7.26
N GLU D 100 -2.06 24.92 7.92
CA GLU D 100 -3.29 25.66 8.18
C GLU D 100 -3.02 26.90 9.03
N TYR D 101 -2.12 26.79 10.00
CA TYR D 101 -1.79 27.94 10.84
C TYR D 101 -1.08 29.02 10.03
N VAL D 102 -0.04 28.64 9.29
CA VAL D 102 0.69 29.60 8.47
C VAL D 102 -0.23 30.31 7.48
N ASN D 103 -1.22 29.58 6.96
CA ASN D 103 -2.18 30.18 6.04
C ASN D 103 -3.03 31.24 6.74
N LYS D 104 -3.58 30.90 7.91
CA LYS D 104 -4.47 31.82 8.62
C LYS D 104 -3.72 33.01 9.18
N THR D 105 -2.48 32.82 9.61
CA THR D 105 -1.73 33.88 10.29
C THR D 105 -1.00 34.81 9.32
N PHE D 106 -0.40 34.26 8.26
CA PHE D 106 0.45 35.04 7.38
C PHE D 106 -0.08 35.14 5.96
N LEU D 107 -0.43 34.01 5.34
CA LEU D 107 -0.70 34.00 3.91
C LEU D 107 -1.88 34.88 3.55
N GLN D 108 -3.04 34.65 4.16
CA GLN D 108 -4.22 35.45 3.85
C GLN D 108 -4.18 36.83 4.46
N ASN D 109 -3.29 37.08 5.43
CA ASN D 109 -3.05 38.45 5.87
C ASN D 109 -2.13 39.20 4.91
N ILE D 110 -1.31 38.49 4.14
CA ILE D 110 -0.43 39.14 3.18
C ILE D 110 -1.22 39.63 1.97
N ILE D 111 -2.16 38.82 1.48
CA ILE D 111 -2.98 39.28 0.36
C ILE D 111 -3.90 40.41 0.79
N LYS D 112 -4.28 40.44 2.07
CA LYS D 112 -5.11 41.53 2.58
C LYS D 112 -4.33 42.85 2.54
N LEU D 113 -3.02 42.80 2.72
CA LEU D 113 -2.19 44.00 2.66
C LEU D 113 -1.96 44.50 1.24
N GLN D 114 -2.35 43.73 0.24
CA GLN D 114 -2.11 44.11 -1.15
C GLN D 114 -3.28 44.86 -1.78
N SER D 115 -4.43 44.88 -1.13
CA SER D 115 -5.57 45.61 -1.67
C SER D 115 -5.39 47.10 -1.44
N PRO D 116 -5.57 47.93 -2.46
CA PRO D 116 -5.84 49.36 -2.20
C PRO D 116 -7.14 49.50 -1.44
N ASP D 117 -7.38 50.71 -0.94
CA ASP D 117 -8.53 51.00 -0.08
C ASP D 117 -8.47 50.19 1.22
N LEU D 118 -7.26 49.91 1.69
CA LEU D 118 -7.02 49.38 3.02
C LEU D 118 -6.27 50.45 3.81
N ASP D 119 -6.93 51.02 4.83
CA ASP D 119 -6.37 52.17 5.52
C ASP D 119 -5.05 51.82 6.19
N GLU D 120 -4.10 52.77 6.14
CA GLU D 120 -2.78 52.52 6.69
C GLU D 120 -2.82 52.23 8.18
N LYS D 121 -3.82 52.75 8.89
CA LYS D 121 -3.97 52.43 10.30
C LYS D 121 -4.25 50.94 10.50
N GLN D 122 -5.09 50.37 9.64
CA GLN D 122 -5.41 48.95 9.73
C GLN D 122 -4.28 48.08 9.17
N ALA D 123 -3.61 48.55 8.11
CA ALA D 123 -2.52 47.79 7.52
C ALA D 123 -1.33 47.70 8.47
N ASN D 124 -1.11 48.72 9.31
CA ASN D 124 -0.04 48.65 10.29
C ASN D 124 -0.36 47.63 11.39
N GLU D 125 -1.65 47.44 11.70
CA GLU D 125 -2.04 46.46 12.70
C GLU D 125 -1.80 45.04 12.21
N ILE D 126 -2.03 44.79 10.92
CA ILE D 126 -1.80 43.46 10.37
C ILE D 126 -0.31 43.15 10.32
N LYS D 127 0.50 44.14 9.94
CA LYS D 127 1.95 43.94 9.92
C LYS D 127 2.48 43.65 11.31
N MET D 128 1.92 44.29 12.32
CA MET D 128 2.44 44.15 13.68
C MET D 128 2.11 42.78 14.27
N LEU D 129 1.00 42.17 13.85
CA LEU D 129 0.68 40.82 14.30
C LEU D 129 1.62 39.80 13.68
N MET D 130 1.89 39.93 12.37
CA MET D 130 2.76 38.98 11.70
C MET D 130 4.19 39.07 12.22
N GLN D 131 4.67 40.30 12.47
CA GLN D 131 6.00 40.46 13.06
C GLN D 131 6.10 39.78 14.41
N ARG D 132 4.99 39.73 15.16
CA ARG D 132 5.02 39.19 16.51
C ARG D 132 5.22 37.68 16.52
N ASP D 133 4.76 36.98 15.49
CA ASP D 133 4.76 35.53 15.48
C ASP D 133 5.60 34.90 14.39
N ILE D 134 6.35 35.70 13.61
CA ILE D 134 7.03 35.14 12.45
C ILE D 134 8.23 34.30 12.88
N ILE D 135 9.05 34.82 13.80
CA ILE D 135 10.20 34.06 14.28
C ILE D 135 9.74 32.86 15.09
N SER D 136 8.67 33.02 15.87
CA SER D 136 8.11 31.89 16.60
C SER D 136 7.59 30.81 15.66
N THR D 137 6.96 31.22 14.55
CA THR D 137 6.48 30.25 13.58
C THR D 137 7.64 29.62 12.82
N TYR D 138 8.66 30.41 12.50
CA TYR D 138 9.81 29.87 11.79
C TYR D 138 10.52 28.80 12.62
N LYS D 139 10.68 29.04 13.92
CA LYS D 139 11.34 28.06 14.77
C LYS D 139 10.56 26.76 14.82
N LYS D 140 9.23 26.84 14.90
CA LYS D 140 8.41 25.63 14.90
C LYS D 140 8.52 24.88 13.58
N ILE D 141 8.68 25.61 12.47
CA ILE D 141 8.86 24.97 11.17
C ILE D 141 10.22 24.27 11.10
N VAL D 142 11.26 24.91 11.62
CA VAL D 142 12.59 24.31 11.58
C VAL D 142 12.66 23.06 12.44
N SER D 143 12.04 23.10 13.63
CA SER D 143 12.10 21.95 14.53
C SER D 143 11.41 20.73 13.93
N GLU D 144 10.24 20.93 13.31
CA GLU D 144 9.55 19.83 12.64
C GLU D 144 10.39 19.24 11.53
N ARG D 145 11.06 20.11 10.76
CA ARG D 145 11.92 19.62 9.67
C ARG D 145 13.07 18.78 10.21
N GLU D 146 13.64 19.17 11.35
CA GLU D 146 14.72 18.40 11.94
C GLU D 146 14.21 17.14 12.64
N VAL D 147 12.99 17.18 13.15
CA VAL D 147 12.39 15.97 13.72
C VAL D 147 12.14 14.93 12.64
N ASN D 148 11.68 15.36 11.46
CA ASN D 148 11.40 14.43 10.37
C ASN D 148 12.68 13.97 9.67
N ALA D 149 13.74 14.77 9.71
CA ALA D 149 15.00 14.39 9.09
C ALA D 149 15.73 13.33 9.88
N GLU D 150 15.61 13.34 11.21
CA GLU D 150 16.25 12.31 12.03
C GLU D 150 15.53 10.98 11.91
N SER D 151 14.19 11.01 11.84
CA SER D 151 13.42 9.78 11.82
C SER D 151 13.62 9.01 10.52
N ASN D 152 13.63 9.71 9.38
CA ASN D 152 13.81 9.09 8.07
C ASN D 152 14.82 9.92 7.29
N PRO D 153 16.11 9.70 7.51
CA PRO D 153 17.11 10.60 6.92
C PRO D 153 17.34 10.42 5.44
N ASP D 154 17.25 9.17 4.94
CA ASP D 154 17.73 8.86 3.61
C ASP D 154 16.99 9.65 2.53
N ALA D 155 15.69 9.89 2.72
CA ALA D 155 14.90 10.53 1.67
C ALA D 155 15.34 11.96 1.44
N GLN D 156 15.46 12.75 2.51
CA GLN D 156 15.75 14.17 2.42
C GLN D 156 14.75 14.87 1.50
N ASN D 157 13.47 14.55 1.70
CA ASN D 157 12.40 15.11 0.89
C ASN D 157 12.31 16.62 1.09
N ILE D 158 11.59 17.27 0.18
CA ILE D 158 11.35 18.70 0.29
C ILE D 158 10.34 18.95 1.41
N ASN D 159 10.54 20.03 2.15
CA ASN D 159 9.63 20.41 3.23
C ASN D 159 8.75 21.54 2.72
N VAL D 160 7.48 21.22 2.46
CA VAL D 160 6.57 22.20 1.87
C VAL D 160 6.40 23.41 2.78
N LEU D 161 6.51 23.22 4.10
CA LEU D 161 6.38 24.35 5.01
C LEU D 161 7.60 25.26 4.96
N THR D 162 8.80 24.71 4.73
CA THR D 162 9.97 25.54 4.50
C THR D 162 9.83 26.33 3.21
N LEU D 163 9.25 25.70 2.17
CA LEU D 163 8.97 26.41 0.93
C LEU D 163 8.01 27.57 1.16
N ILE D 164 6.94 27.33 1.91
CA ILE D 164 5.94 28.36 2.14
C ILE D 164 6.50 29.49 2.99
N ILE D 165 7.22 29.16 4.06
CA ILE D 165 7.78 30.18 4.92
C ILE D 165 8.84 31.00 4.18
N THR D 166 9.41 30.45 3.11
CA THR D 166 10.32 31.22 2.27
C THR D 166 9.59 32.36 1.57
N PHE D 167 8.35 32.10 1.13
CA PHE D 167 7.57 33.13 0.47
C PHE D 167 7.02 34.15 1.45
N VAL D 168 6.79 33.76 2.70
CA VAL D 168 6.40 34.72 3.72
C VAL D 168 7.52 35.73 3.96
N PHE D 169 8.74 35.21 4.14
CA PHE D 169 9.91 36.09 4.24
C PHE D 169 10.06 36.96 3.00
N TYR D 170 9.91 36.35 1.82
CA TYR D 170 10.06 37.10 0.57
C TYR D 170 9.01 38.19 0.44
N TYR D 171 7.78 37.92 0.90
CA TYR D 171 6.75 38.95 0.88
C TYR D 171 6.86 39.92 2.04
N PHE D 172 7.51 39.52 3.15
CA PHE D 172 7.88 40.48 4.18
C PHE D 172 8.79 41.56 3.60
N ILE D 173 9.77 41.15 2.77
CA ILE D 173 10.68 42.10 2.17
C ILE D 173 9.99 42.89 1.07
N LYS D 174 9.09 42.26 0.32
CA LYS D 174 8.35 42.98 -0.71
C LYS D 174 7.51 44.10 -0.10
N LEU D 175 6.84 43.83 1.02
CA LEU D 175 5.97 44.80 1.67
C LEU D 175 6.71 45.67 2.68
N LYS D 176 8.05 45.65 2.66
CA LYS D 176 8.87 46.48 3.56
C LYS D 176 8.53 46.23 5.02
N ILE D 177 8.15 45.00 5.36
CA ILE D 177 7.92 44.61 6.75
C ILE D 177 9.22 44.01 7.28
N SER D 178 9.86 44.70 8.21
CA SER D 178 11.08 44.18 8.79
C SER D 178 10.81 42.90 9.56
N ILE D 179 11.80 42.01 9.55
CA ILE D 179 11.74 40.72 10.23
C ILE D 179 12.40 40.89 11.60
N PRO D 180 11.65 40.76 12.71
CA PRO D 180 12.13 41.08 14.07
C PRO D 180 13.13 40.08 14.63
N THR D 181 14.39 40.19 14.22
CA THR D 181 15.43 39.32 14.73
C THR D 181 16.79 39.94 14.48
N LYS D 182 17.69 39.74 15.44
CA LYS D 182 19.11 40.02 15.29
C LYS D 182 19.94 38.75 15.38
N ASP D 183 19.28 37.59 15.39
CA ASP D 183 19.95 36.29 15.42
C ASP D 183 20.75 36.11 14.13
N LYS D 184 22.09 36.10 14.26
CA LYS D 184 22.94 35.97 13.08
C LYS D 184 22.65 34.68 12.30
N ASN D 185 22.24 33.62 12.99
CA ASN D 185 22.03 32.34 12.33
C ASN D 185 20.71 32.33 11.56
N ILE D 186 19.63 32.80 12.18
CA ILE D 186 18.35 32.92 11.47
C ILE D 186 18.52 33.79 10.23
N ILE D 187 19.27 34.89 10.36
CA ILE D 187 19.54 35.76 9.22
C ILE D 187 20.25 34.99 8.12
N LYS D 188 21.30 34.25 8.48
CA LYS D 188 22.02 33.45 7.49
C LYS D 188 21.11 32.40 6.86
N GLU D 189 20.18 31.86 7.65
CA GLU D 189 19.25 30.88 7.11
C GLU D 189 18.26 31.53 6.16
N ILE D 190 17.76 32.72 6.49
CA ILE D 190 16.79 33.40 5.63
C ILE D 190 17.46 33.78 4.30
N LYS D 191 18.71 34.24 4.36
CA LYS D 191 19.43 34.55 3.13
C LYS D 191 19.57 33.31 2.24
N GLU D 192 19.73 32.14 2.86
CA GLU D 192 19.89 30.92 2.09
C GLU D 192 18.58 30.47 1.46
N LEU D 193 17.46 30.59 2.18
CA LEU D 193 16.17 30.23 1.61
C LEU D 193 15.84 31.11 0.42
N LEU D 194 16.08 32.42 0.53
CA LEU D 194 15.78 33.36 -0.54
C LEU D 194 16.75 33.26 -1.71
N SER D 195 17.73 32.34 -1.65
CA SER D 195 18.65 32.12 -2.76
C SER D 195 18.60 30.68 -3.27
N GLU D 196 17.56 29.94 -2.93
CA GLU D 196 17.40 28.60 -3.49
C GLU D 196 17.13 28.70 -4.98
N PRO D 197 17.77 27.87 -5.81
CA PRO D 197 17.61 28.05 -7.27
C PRO D 197 16.19 27.93 -7.76
N ASN D 198 15.38 27.07 -7.14
CA ASN D 198 13.99 26.95 -7.57
C ASN D 198 13.15 28.14 -7.12
N PHE D 199 13.51 28.76 -5.99
CA PHE D 199 12.84 29.98 -5.58
C PHE D 199 13.16 31.13 -6.54
N ILE D 200 14.44 31.28 -6.87
CA ILE D 200 14.85 32.33 -7.82
C ILE D 200 14.18 32.12 -9.17
N LYS D 201 14.02 30.85 -9.58
CA LYS D 201 13.36 30.57 -10.84
C LYS D 201 11.88 30.86 -10.79
N THR D 202 11.27 30.88 -9.61
CA THR D 202 9.86 31.18 -9.48
C THR D 202 9.59 32.68 -9.57
N ILE D 203 10.47 33.49 -9.00
CA ILE D 203 10.32 34.95 -9.00
C ILE D 203 11.34 35.53 -9.98
N LYS D 204 10.86 36.08 -11.09
CA LYS D 204 11.75 36.65 -12.09
C LYS D 204 10.97 37.52 -13.08
C1 GOL E . 1.37 -31.09 8.65
O1 GOL E . 1.46 -31.73 9.90
C2 GOL E . -0.05 -30.53 8.46
O2 GOL E . -0.61 -30.28 9.72
C3 GOL E . 0.02 -29.24 7.66
O3 GOL E . -1.28 -28.84 7.31
C1 GOL F . 5.74 -45.26 14.58
O1 GOL F . 6.96 -44.57 14.76
C2 GOL F . 4.60 -44.26 14.42
O2 GOL F . 4.37 -44.04 13.04
C3 GOL F . 4.97 -42.94 15.08
O3 GOL F . 4.96 -43.09 16.48
OH2 1PE G . 4.58 -37.59 4.45
C12 1PE G . 3.93 -37.62 3.18
C22 1PE G . 2.69 -36.74 3.18
OH3 1PE G . 2.89 -35.66 2.30
C13 1PE G . 1.66 -33.90 1.23
C23 1PE G . 1.98 -34.59 2.54
OH4 1PE G . 0.35 -33.33 1.30
C14 1PE G . -0.46 -32.50 -0.77
C24 1PE G . 0.24 -32.16 0.52
OH5 1PE G . -1.69 -31.78 -0.79
C15 1PE G . -2.64 -32.42 -2.90
C25 1PE G . -2.02 -31.31 -2.08
OH6 1PE G . -3.58 -33.16 -2.09
C1 GOL H . 6.64 -6.57 -20.13
O1 GOL H . 5.34 -6.75 -20.64
C2 GOL H . 6.58 -5.63 -18.93
O2 GOL H . 5.28 -5.62 -18.39
C3 GOL H . 7.56 -6.09 -17.86
O3 GOL H . 7.49 -5.23 -16.75
C1 GOL I . 10.74 -3.52 -18.71
O1 GOL I . 9.76 -4.25 -19.40
C2 GOL I . 10.19 -2.16 -18.29
O2 GOL I . 11.03 -1.13 -18.79
C3 GOL I . 8.78 -1.99 -18.83
O3 GOL I . 8.06 -1.09 -18.02
OH2 1PE J . 22.06 -18.09 -18.12
C12 1PE J . 23.42 -18.26 -17.72
C22 1PE J . 24.09 -19.32 -18.56
OH3 1PE J . 23.11 -20.00 -19.31
C13 1PE J . 22.99 -18.67 -21.30
C23 1PE J . 23.40 -20.00 -20.70
OH4 1PE J . 24.00 -18.22 -22.20
C14 1PE J . 24.71 -17.95 -24.45
C24 1PE J . 23.52 -18.08 -23.52
OH5 1PE J . 24.53 -18.91 -25.47
N PRO K . 0.76 -14.97 1.12
CA PRO K . 0.93 -15.71 -0.13
C PRO K . 2.38 -15.73 -0.61
O PRO K . 2.67 -16.12 -1.74
CB PRO K . 0.05 -14.94 -1.11
CG PRO K . -1.00 -14.30 -0.26
CD PRO K . -0.31 -13.96 1.04
OXT PRO K . 3.29 -15.37 0.13
C1 GOL L . -4.41 17.93 21.18
O1 GOL L . -3.82 16.65 21.31
C2 GOL L . -3.35 18.94 20.78
O2 GOL L . -3.13 19.86 21.83
C3 GOL L . -2.05 18.23 20.43
O3 GOL L . -1.07 19.18 20.06
C1 GOL M . -25.99 26.86 2.02
O1 GOL M . -26.11 25.59 2.61
C2 GOL M . -25.29 26.71 0.67
O2 GOL M . -25.94 27.54 -0.27
C3 GOL M . -23.83 27.13 0.80
O3 GOL M . -23.16 26.87 -0.40
C1 GOL N . -20.07 19.80 -2.51
O1 GOL N . -21.01 19.16 -1.67
C2 GOL N . -20.43 19.57 -3.96
O2 GOL N . -20.82 20.80 -4.55
C3 GOL N . -19.23 19.00 -4.72
O3 GOL N . -19.56 18.86 -6.08
C1 GOL O . 4.92 11.52 -13.69
O1 GOL O . 4.68 11.42 -12.30
C2 GOL O . 4.05 12.62 -14.27
O2 GOL O . 4.80 13.34 -15.22
C3 GOL O . 2.83 12.01 -14.95
O3 GOL O . 1.88 13.02 -15.21
C1 GOL P . 5.94 35.65 -12.73
O1 GOL P . 6.48 34.83 -13.73
C2 GOL P . 7.00 35.93 -11.68
O2 GOL P . 8.29 35.76 -12.24
C3 GOL P . 6.85 37.35 -11.13
O3 GOL P . 5.76 37.39 -10.26
N PRO Q . -7.96 31.81 0.03
CA PRO Q . -7.68 30.41 -0.30
C PRO Q . -7.30 29.56 0.91
O PRO Q . -8.15 28.93 1.53
CB PRO Q . -6.51 30.51 -1.28
CG PRO Q . -6.72 31.83 -1.95
CD PRO Q . -7.29 32.74 -0.90
OXT PRO Q . -6.13 29.49 1.30
#